data_1PTF
# 
_entry.id   1PTF 
# 
_audit_conform.dict_name       mmcif_pdbx.dic 
_audit_conform.dict_version    5.386 
_audit_conform.dict_location   http://mmcif.pdb.org/dictionaries/ascii/mmcif_pdbx.dic 
# 
loop_
_database_2.database_id 
_database_2.database_code 
_database_2.pdbx_database_accession 
_database_2.pdbx_DOI 
PDB   1PTF         pdb_00001ptf 10.2210/pdb1ptf/pdb 
WWPDB D_1000175843 ?            ?                   
# 
loop_
_pdbx_audit_revision_history.ordinal 
_pdbx_audit_revision_history.data_content_type 
_pdbx_audit_revision_history.major_revision 
_pdbx_audit_revision_history.minor_revision 
_pdbx_audit_revision_history.revision_date 
1 'Structure model' 1 0 1994-01-31 
2 'Structure model' 1 1 2008-03-24 
3 'Structure model' 1 2 2011-07-13 
4 'Structure model' 1 3 2017-11-29 
5 'Structure model' 1 4 2019-07-17 
6 'Structure model' 1 5 2019-08-14 
7 'Structure model' 1 6 2024-02-14 
# 
_pdbx_audit_revision_details.ordinal             1 
_pdbx_audit_revision_details.revision_ordinal    1 
_pdbx_audit_revision_details.data_content_type   'Structure model' 
_pdbx_audit_revision_details.provider            repository 
_pdbx_audit_revision_details.type                'Initial release' 
_pdbx_audit_revision_details.description         ? 
_pdbx_audit_revision_details.details             ? 
# 
loop_
_pdbx_audit_revision_group.ordinal 
_pdbx_audit_revision_group.revision_ordinal 
_pdbx_audit_revision_group.data_content_type 
_pdbx_audit_revision_group.group 
1  2 'Structure model' 'Version format compliance' 
2  3 'Structure model' 'Version format compliance' 
3  4 'Structure model' 'Derived calculations'      
4  4 'Structure model' Other                       
5  5 'Structure model' 'Data collection'           
6  5 'Structure model' 'Refinement description'    
7  6 'Structure model' 'Data collection'           
8  6 'Structure model' 'Refinement description'    
9  7 'Structure model' 'Data collection'           
10 7 'Structure model' 'Database references'       
# 
loop_
_pdbx_audit_revision_category.ordinal 
_pdbx_audit_revision_category.revision_ordinal 
_pdbx_audit_revision_category.data_content_type 
_pdbx_audit_revision_category.category 
1 4 'Structure model' pdbx_database_status 
2 4 'Structure model' struct_conf          
3 4 'Structure model' struct_conf_type     
4 5 'Structure model' software             
5 6 'Structure model' software             
6 7 'Structure model' chem_comp_atom       
7 7 'Structure model' chem_comp_bond       
8 7 'Structure model' database_2           
# 
loop_
_pdbx_audit_revision_item.ordinal 
_pdbx_audit_revision_item.revision_ordinal 
_pdbx_audit_revision_item.data_content_type 
_pdbx_audit_revision_item.item 
1 4 'Structure model' '_pdbx_database_status.process_site'  
2 5 'Structure model' '_software.classification'            
3 6 'Structure model' '_software.classification'            
4 7 'Structure model' '_database_2.pdbx_DOI'                
5 7 'Structure model' '_database_2.pdbx_database_accession' 
# 
_pdbx_database_status.status_code                     REL 
_pdbx_database_status.entry_id                        1PTF 
_pdbx_database_status.recvd_initial_deposition_date   1993-10-04 
_pdbx_database_status.deposit_site                    ? 
_pdbx_database_status.process_site                    BNL 
_pdbx_database_status.SG_entry                        . 
_pdbx_database_status.pdb_format_compatible           Y 
_pdbx_database_status.status_code_mr                  ? 
_pdbx_database_status.status_code_sf                  ? 
_pdbx_database_status.status_code_cs                  ? 
_pdbx_database_status.methods_development_category    ? 
_pdbx_database_status.status_code_nmr_data            ? 
# 
loop_
_audit_author.name 
_audit_author.pdbx_ordinal 
'Jia, Z.'      1 
'Quail, W.'    2 
'Delbaere, L.' 3 
# 
loop_
_citation.id 
_citation.title 
_citation.journal_abbrev 
_citation.journal_volume 
_citation.page_first 
_citation.page_last 
_citation.year 
_citation.journal_id_ASTM 
_citation.country 
_citation.journal_id_ISSN 
_citation.journal_id_CSD 
_citation.book_publisher 
_citation.pdbx_database_id_PubMed 
_citation.pdbx_database_id_DOI 
primary 'The 1.6 A structure of histidine-containing phosphotransfer protein HPr from Streptococcus faecalis.' J.Mol.Biol. 236 
1341 1355 1994 JMOBAK UK 0022-2836 0070 ? 8126724 '10.1016/0022-2836(94)90062-0' 
1       
;Active-Centre Torsion-Angle Strain Revealed in the 1.6 Angstroms Resolution Structure of the Histidine-Containing Phosphocarrier Protein Hpr
;
Nature      361 94   ?    1993 NATUAS UK 0028-0836 0006 ? ?       ?                              
# 
loop_
_citation_author.citation_id 
_citation_author.name 
_citation_author.ordinal 
_citation_author.identifier_ORCID 
primary 'Jia, Z.'          1 ? 
primary 'Vandonselaar, M.' 2 ? 
primary 'Hengstenberg, W.' 3 ? 
primary 'Quail, J.W.'      4 ? 
primary 'Delbaere, L.T.'   5 ? 
1       'Jia, Z.'          6 ? 
1       'Vandonselaar, M.' 7 ? 
1       'Quail, J.W.'      8 ? 
1       'Delbaere, L.T.J.' 9 ? 
# 
loop_
_entity.id 
_entity.type 
_entity.src_method 
_entity.pdbx_description 
_entity.formula_weight 
_entity.pdbx_number_of_molecules 
_entity.pdbx_ec 
_entity.pdbx_mutation 
_entity.pdbx_fragment 
_entity.details 
1 polymer man 'HISTIDINE-CONTAINING PHOSPHOCARRIER PROTEIN HPR' 9330.601 1  ? ? ? ? 
2 water   nat water                                             18.015   99 ? ? ? ? 
# 
_entity_poly.entity_id                      1 
_entity_poly.type                           'polypeptide(L)' 
_entity_poly.nstd_linkage                   no 
_entity_poly.nstd_monomer                   no 
_entity_poly.pdbx_seq_one_letter_code       
;MEKKEFHIVAETGIHARPATLLVQTASKFNSDINLEYKGKSVNLKSIMGVMSLGVGQGSDVTITVDGADEAEGMAAIVET
LQKEGLAE
;
_entity_poly.pdbx_seq_one_letter_code_can   
;MEKKEFHIVAETGIHARPATLLVQTASKFNSDINLEYKGKSVNLKSIMGVMSLGVGQGSDVTITVDGADEAEGMAAIVET
LQKEGLAE
;
_entity_poly.pdbx_strand_id                 A 
_entity_poly.pdbx_target_identifier         ? 
# 
_pdbx_entity_nonpoly.entity_id   2 
_pdbx_entity_nonpoly.name        water 
_pdbx_entity_nonpoly.comp_id     HOH 
# 
loop_
_entity_poly_seq.entity_id 
_entity_poly_seq.num 
_entity_poly_seq.mon_id 
_entity_poly_seq.hetero 
1 1  MET n 
1 2  GLU n 
1 3  LYS n 
1 4  LYS n 
1 5  GLU n 
1 6  PHE n 
1 7  HIS n 
1 8  ILE n 
1 9  VAL n 
1 10 ALA n 
1 11 GLU n 
1 12 THR n 
1 13 GLY n 
1 14 ILE n 
1 15 HIS n 
1 16 ALA n 
1 17 ARG n 
1 18 PRO n 
1 19 ALA n 
1 20 THR n 
1 21 LEU n 
1 22 LEU n 
1 23 VAL n 
1 24 GLN n 
1 25 THR n 
1 26 ALA n 
1 27 SER n 
1 28 LYS n 
1 29 PHE n 
1 30 ASN n 
1 31 SER n 
1 32 ASP n 
1 33 ILE n 
1 34 ASN n 
1 35 LEU n 
1 36 GLU n 
1 37 TYR n 
1 38 LYS n 
1 39 GLY n 
1 40 LYS n 
1 41 SER n 
1 42 VAL n 
1 43 ASN n 
1 44 LEU n 
1 45 LYS n 
1 46 SER n 
1 47 ILE n 
1 48 MET n 
1 49 GLY n 
1 50 VAL n 
1 51 MET n 
1 52 SER n 
1 53 LEU n 
1 54 GLY n 
1 55 VAL n 
1 56 GLY n 
1 57 GLN n 
1 58 GLY n 
1 59 SER n 
1 60 ASP n 
1 61 VAL n 
1 62 THR n 
1 63 ILE n 
1 64 THR n 
1 65 VAL n 
1 66 ASP n 
1 67 GLY n 
1 68 ALA n 
1 69 ASP n 
1 70 GLU n 
1 71 ALA n 
1 72 GLU n 
1 73 GLY n 
1 74 MET n 
1 75 ALA n 
1 76 ALA n 
1 77 ILE n 
1 78 VAL n 
1 79 GLU n 
1 80 THR n 
1 81 LEU n 
1 82 GLN n 
1 83 LYS n 
1 84 GLU n 
1 85 GLY n 
1 86 LEU n 
1 87 ALA n 
1 88 GLU n 
# 
_entity_src_gen.entity_id                          1 
_entity_src_gen.pdbx_src_id                        1 
_entity_src_gen.pdbx_alt_source_flag               sample 
_entity_src_gen.pdbx_seq_type                      ? 
_entity_src_gen.pdbx_beg_seq_num                   ? 
_entity_src_gen.pdbx_end_seq_num                   ? 
_entity_src_gen.gene_src_common_name               ? 
_entity_src_gen.gene_src_genus                     Enterococcus 
_entity_src_gen.pdbx_gene_src_gene                 ? 
_entity_src_gen.gene_src_species                   ? 
_entity_src_gen.gene_src_strain                    ? 
_entity_src_gen.gene_src_tissue                    ? 
_entity_src_gen.gene_src_tissue_fraction           ? 
_entity_src_gen.gene_src_details                   ? 
_entity_src_gen.pdbx_gene_src_fragment             ? 
_entity_src_gen.pdbx_gene_src_scientific_name      'Enterococcus faecalis' 
_entity_src_gen.pdbx_gene_src_ncbi_taxonomy_id     1351 
_entity_src_gen.pdbx_gene_src_variant              ? 
_entity_src_gen.pdbx_gene_src_cell_line            ? 
_entity_src_gen.pdbx_gene_src_atcc                 ? 
_entity_src_gen.pdbx_gene_src_organ                ? 
_entity_src_gen.pdbx_gene_src_organelle            ? 
_entity_src_gen.pdbx_gene_src_cell                 ? 
_entity_src_gen.pdbx_gene_src_cellular_location    ? 
_entity_src_gen.host_org_common_name               ? 
_entity_src_gen.pdbx_host_org_scientific_name      ? 
_entity_src_gen.pdbx_host_org_ncbi_taxonomy_id     ? 
_entity_src_gen.host_org_genus                     ? 
_entity_src_gen.pdbx_host_org_gene                 ? 
_entity_src_gen.pdbx_host_org_organ                ? 
_entity_src_gen.host_org_species                   ? 
_entity_src_gen.pdbx_host_org_tissue               ? 
_entity_src_gen.pdbx_host_org_tissue_fraction      ? 
_entity_src_gen.pdbx_host_org_strain               ? 
_entity_src_gen.pdbx_host_org_variant              ? 
_entity_src_gen.pdbx_host_org_cell_line            ? 
_entity_src_gen.pdbx_host_org_atcc                 ? 
_entity_src_gen.pdbx_host_org_culture_collection   ? 
_entity_src_gen.pdbx_host_org_cell                 ? 
_entity_src_gen.pdbx_host_org_organelle            ? 
_entity_src_gen.pdbx_host_org_cellular_location    ? 
_entity_src_gen.pdbx_host_org_vector_type          ? 
_entity_src_gen.pdbx_host_org_vector               ? 
_entity_src_gen.host_org_details                   ? 
_entity_src_gen.expression_system_id               ? 
_entity_src_gen.plasmid_name                       ? 
_entity_src_gen.plasmid_details                    ? 
_entity_src_gen.pdbx_description                   ? 
# 
loop_
_chem_comp.id 
_chem_comp.type 
_chem_comp.mon_nstd_flag 
_chem_comp.name 
_chem_comp.pdbx_synonyms 
_chem_comp.formula 
_chem_comp.formula_weight 
ALA 'L-peptide linking' y ALANINE         ? 'C3 H7 N O2'     89.093  
ARG 'L-peptide linking' y ARGININE        ? 'C6 H15 N4 O2 1' 175.209 
ASN 'L-peptide linking' y ASPARAGINE      ? 'C4 H8 N2 O3'    132.118 
ASP 'L-peptide linking' y 'ASPARTIC ACID' ? 'C4 H7 N O4'     133.103 
GLN 'L-peptide linking' y GLUTAMINE       ? 'C5 H10 N2 O3'   146.144 
GLU 'L-peptide linking' y 'GLUTAMIC ACID' ? 'C5 H9 N O4'     147.129 
GLY 'peptide linking'   y GLYCINE         ? 'C2 H5 N O2'     75.067  
HIS 'L-peptide linking' y HISTIDINE       ? 'C6 H10 N3 O2 1' 156.162 
HOH non-polymer         . WATER           ? 'H2 O'           18.015  
ILE 'L-peptide linking' y ISOLEUCINE      ? 'C6 H13 N O2'    131.173 
LEU 'L-peptide linking' y LEUCINE         ? 'C6 H13 N O2'    131.173 
LYS 'L-peptide linking' y LYSINE          ? 'C6 H15 N2 O2 1' 147.195 
MET 'L-peptide linking' y METHIONINE      ? 'C5 H11 N O2 S'  149.211 
PHE 'L-peptide linking' y PHENYLALANINE   ? 'C9 H11 N O2'    165.189 
PRO 'L-peptide linking' y PROLINE         ? 'C5 H9 N O2'     115.130 
SER 'L-peptide linking' y SERINE          ? 'C3 H7 N O3'     105.093 
THR 'L-peptide linking' y THREONINE       ? 'C4 H9 N O3'     119.119 
TYR 'L-peptide linking' y TYROSINE        ? 'C9 H11 N O3'    181.189 
VAL 'L-peptide linking' y VALINE          ? 'C5 H11 N O2'    117.146 
# 
loop_
_pdbx_poly_seq_scheme.asym_id 
_pdbx_poly_seq_scheme.entity_id 
_pdbx_poly_seq_scheme.seq_id 
_pdbx_poly_seq_scheme.mon_id 
_pdbx_poly_seq_scheme.ndb_seq_num 
_pdbx_poly_seq_scheme.pdb_seq_num 
_pdbx_poly_seq_scheme.auth_seq_num 
_pdbx_poly_seq_scheme.pdb_mon_id 
_pdbx_poly_seq_scheme.auth_mon_id 
_pdbx_poly_seq_scheme.pdb_strand_id 
_pdbx_poly_seq_scheme.pdb_ins_code 
_pdbx_poly_seq_scheme.hetero 
A 1 1  MET 1  1  1  MET MET A . n 
A 1 2  GLU 2  2  2  GLU GLU A . n 
A 1 3  LYS 3  3  3  LYS LYS A . n 
A 1 4  LYS 4  4  4  LYS LYS A . n 
A 1 5  GLU 5  5  5  GLU GLU A . n 
A 1 6  PHE 6  6  6  PHE PHE A . n 
A 1 7  HIS 7  7  7  HIS HIS A . n 
A 1 8  ILE 8  8  8  ILE ILE A . n 
A 1 9  VAL 9  9  9  VAL VAL A . n 
A 1 10 ALA 10 10 10 ALA ALA A . n 
A 1 11 GLU 11 11 11 GLU GLU A . n 
A 1 12 THR 12 12 12 THR THR A . n 
A 1 13 GLY 13 13 13 GLY GLY A . n 
A 1 14 ILE 14 14 14 ILE ILE A . n 
A 1 15 HIS 15 15 15 HIS HIS A . n 
A 1 16 ALA 16 16 16 ALA ALA A . n 
A 1 17 ARG 17 17 17 ARG ARG A . n 
A 1 18 PRO 18 18 18 PRO PRO A . n 
A 1 19 ALA 19 19 19 ALA ALA A . n 
A 1 20 THR 20 20 20 THR THR A . n 
A 1 21 LEU 21 21 21 LEU LEU A . n 
A 1 22 LEU 22 22 22 LEU LEU A . n 
A 1 23 VAL 23 23 23 VAL VAL A . n 
A 1 24 GLN 24 24 24 GLN GLN A . n 
A 1 25 THR 25 25 25 THR THR A . n 
A 1 26 ALA 26 26 26 ALA ALA A . n 
A 1 27 SER 27 27 27 SER SER A . n 
A 1 28 LYS 28 28 28 LYS LYS A . n 
A 1 29 PHE 29 29 29 PHE PHE A . n 
A 1 30 ASN 30 30 30 ASN ASN A . n 
A 1 31 SER 31 31 31 SER SER A . n 
A 1 32 ASP 32 32 32 ASP ASP A . n 
A 1 33 ILE 33 33 33 ILE ILE A . n 
A 1 34 ASN 34 34 34 ASN ASN A . n 
A 1 35 LEU 35 35 35 LEU LEU A . n 
A 1 36 GLU 36 36 36 GLU GLU A . n 
A 1 37 TYR 37 37 37 TYR TYR A . n 
A 1 38 LYS 38 38 38 LYS LYS A . n 
A 1 39 GLY 39 39 39 GLY GLY A . n 
A 1 40 LYS 40 40 40 LYS LYS A . n 
A 1 41 SER 41 41 41 SER SER A . n 
A 1 42 VAL 42 42 42 VAL VAL A . n 
A 1 43 ASN 43 43 43 ASN ASN A . n 
A 1 44 LEU 44 44 44 LEU LEU A . n 
A 1 45 LYS 45 45 45 LYS LYS A . n 
A 1 46 SER 46 46 46 SER SER A . n 
A 1 47 ILE 47 47 47 ILE ILE A . n 
A 1 48 MET 48 48 48 MET MET A . n 
A 1 49 GLY 49 49 49 GLY GLY A . n 
A 1 50 VAL 50 50 50 VAL VAL A . n 
A 1 51 MET 51 51 51 MET MET A . n 
A 1 52 SER 52 52 52 SER SER A . n 
A 1 53 LEU 53 53 53 LEU LEU A . n 
A 1 54 GLY 54 54 54 GLY GLY A . n 
A 1 55 VAL 55 55 55 VAL VAL A . n 
A 1 56 GLY 56 56 56 GLY GLY A . n 
A 1 57 GLN 57 57 57 GLN GLN A . n 
A 1 58 GLY 58 58 58 GLY GLY A . n 
A 1 59 SER 59 59 59 SER SER A . n 
A 1 60 ASP 60 60 60 ASP ASP A . n 
A 1 61 VAL 61 61 61 VAL VAL A . n 
A 1 62 THR 62 62 62 THR THR A . n 
A 1 63 ILE 63 63 63 ILE ILE A . n 
A 1 64 THR 64 64 64 THR THR A . n 
A 1 65 VAL 65 65 65 VAL VAL A . n 
A 1 66 ASP 66 66 66 ASP ASP A . n 
A 1 67 GLY 67 67 67 GLY GLY A . n 
A 1 68 ALA 68 68 68 ALA ALA A . n 
A 1 69 ASP 69 69 69 ASP ASP A . n 
A 1 70 GLU 70 70 70 GLU GLU A . n 
A 1 71 ALA 71 71 71 ALA ALA A . n 
A 1 72 GLU 72 72 72 GLU GLU A . n 
A 1 73 GLY 73 73 73 GLY GLY A . n 
A 1 74 MET 74 74 74 MET MET A . n 
A 1 75 ALA 75 75 75 ALA ALA A . n 
A 1 76 ALA 76 76 76 ALA ALA A . n 
A 1 77 ILE 77 77 77 ILE ILE A . n 
A 1 78 VAL 78 78 78 VAL VAL A . n 
A 1 79 GLU 79 79 79 GLU GLU A . n 
A 1 80 THR 80 80 80 THR THR A . n 
A 1 81 LEU 81 81 81 LEU LEU A . n 
A 1 82 GLN 82 82 82 GLN GLN A . n 
A 1 83 LYS 83 83 83 LYS LYS A . n 
A 1 84 GLU 84 84 84 GLU GLU A . n 
A 1 85 GLY 85 85 85 GLY GLY A . n 
A 1 86 LEU 86 86 86 LEU LEU A . n 
A 1 87 ALA 87 87 87 ALA ALA A . n 
A 1 88 GLU 88 88 ?  ?   ?   A . n 
# 
loop_
_pdbx_nonpoly_scheme.asym_id 
_pdbx_nonpoly_scheme.entity_id 
_pdbx_nonpoly_scheme.mon_id 
_pdbx_nonpoly_scheme.ndb_seq_num 
_pdbx_nonpoly_scheme.pdb_seq_num 
_pdbx_nonpoly_scheme.auth_seq_num 
_pdbx_nonpoly_scheme.pdb_mon_id 
_pdbx_nonpoly_scheme.auth_mon_id 
_pdbx_nonpoly_scheme.pdb_strand_id 
_pdbx_nonpoly_scheme.pdb_ins_code 
B 2 HOH 1  90  90  HOH HOH A . 
B 2 HOH 2  91  91  HOH HOH A . 
B 2 HOH 3  92  92  HOH HOH A . 
B 2 HOH 4  93  93  HOH HOH A . 
B 2 HOH 5  94  94  HOH HOH A . 
B 2 HOH 6  95  95  HOH HOH A . 
B 2 HOH 7  96  96  HOH HOH A . 
B 2 HOH 8  97  97  HOH HOH A . 
B 2 HOH 9  98  98  HOH HOH A . 
B 2 HOH 10 99  99  HOH HOH A . 
B 2 HOH 11 100 100 HOH HOH A . 
B 2 HOH 12 101 101 HOH HOH A . 
B 2 HOH 13 102 102 HOH HOH A . 
B 2 HOH 14 103 103 HOH HOH A . 
B 2 HOH 15 104 104 HOH HOH A . 
B 2 HOH 16 105 105 HOH HOH A . 
B 2 HOH 17 106 106 HOH HOH A . 
B 2 HOH 18 107 107 HOH HOH A . 
B 2 HOH 19 108 108 HOH HOH A . 
B 2 HOH 20 109 109 HOH HOH A . 
B 2 HOH 21 110 110 HOH HOH A . 
B 2 HOH 22 111 111 HOH HOH A . 
B 2 HOH 23 112 112 HOH HOH A . 
B 2 HOH 24 113 113 HOH HOH A . 
B 2 HOH 25 114 114 HOH HOH A . 
B 2 HOH 26 115 115 HOH HOH A . 
B 2 HOH 27 116 116 HOH HOH A . 
B 2 HOH 28 117 117 HOH HOH A . 
B 2 HOH 29 118 118 HOH HOH A . 
B 2 HOH 30 119 119 HOH HOH A . 
B 2 HOH 31 120 120 HOH HOH A . 
B 2 HOH 32 121 121 HOH HOH A . 
B 2 HOH 33 122 122 HOH HOH A . 
B 2 HOH 34 123 123 HOH HOH A . 
B 2 HOH 35 124 124 HOH HOH A . 
B 2 HOH 36 125 125 HOH HOH A . 
B 2 HOH 37 127 127 HOH HOH A . 
B 2 HOH 38 128 128 HOH HOH A . 
B 2 HOH 39 129 129 HOH HOH A . 
B 2 HOH 40 130 130 HOH HOH A . 
B 2 HOH 41 131 131 HOH HOH A . 
B 2 HOH 42 132 132 HOH HOH A . 
B 2 HOH 43 133 133 HOH HOH A . 
B 2 HOH 44 134 134 HOH HOH A . 
B 2 HOH 45 135 135 HOH HOH A . 
B 2 HOH 46 136 136 HOH HOH A . 
B 2 HOH 47 137 137 HOH HOH A . 
B 2 HOH 48 138 138 HOH HOH A . 
B 2 HOH 49 139 139 HOH HOH A . 
B 2 HOH 50 140 140 HOH HOH A . 
B 2 HOH 51 141 141 HOH HOH A . 
B 2 HOH 52 142 142 HOH HOH A . 
B 2 HOH 53 143 143 HOH HOH A . 
B 2 HOH 54 144 144 HOH HOH A . 
B 2 HOH 55 145 145 HOH HOH A . 
B 2 HOH 56 146 146 HOH HOH A . 
B 2 HOH 57 147 147 HOH HOH A . 
B 2 HOH 58 148 148 HOH HOH A . 
B 2 HOH 59 149 149 HOH HOH A . 
B 2 HOH 60 150 150 HOH HOH A . 
B 2 HOH 61 151 151 HOH HOH A . 
B 2 HOH 62 152 152 HOH HOH A . 
B 2 HOH 63 153 153 HOH HOH A . 
B 2 HOH 64 154 154 HOH HOH A . 
B 2 HOH 65 155 155 HOH HOH A . 
B 2 HOH 66 156 156 HOH HOH A . 
B 2 HOH 67 157 157 HOH HOH A . 
B 2 HOH 68 159 159 HOH HOH A . 
B 2 HOH 69 160 160 HOH HOH A . 
B 2 HOH 70 161 161 HOH HOH A . 
B 2 HOH 71 162 162 HOH HOH A . 
B 2 HOH 72 163 163 HOH HOH A . 
B 2 HOH 73 164 164 HOH HOH A . 
B 2 HOH 74 166 166 HOH HOH A . 
B 2 HOH 75 167 167 HOH HOH A . 
B 2 HOH 76 168 168 HOH HOH A . 
B 2 HOH 77 169 169 HOH HOH A . 
B 2 HOH 78 170 170 HOH HOH A . 
B 2 HOH 79 171 171 HOH HOH A . 
B 2 HOH 80 172 172 HOH HOH A . 
B 2 HOH 81 173 173 HOH HOH A . 
B 2 HOH 82 174 174 HOH HOH A . 
B 2 HOH 83 175 175 HOH HOH A . 
B 2 HOH 84 176 176 HOH HOH A . 
B 2 HOH 85 177 177 HOH HOH A . 
B 2 HOH 86 178 178 HOH HOH A . 
B 2 HOH 87 179 179 HOH HOH A . 
B 2 HOH 88 180 180 HOH HOH A . 
B 2 HOH 89 181 181 HOH HOH A . 
B 2 HOH 90 182 182 HOH HOH A . 
B 2 HOH 91 183 183 HOH HOH A . 
B 2 HOH 92 184 184 HOH HOH A . 
B 2 HOH 93 185 185 HOH HOH A . 
B 2 HOH 94 186 186 HOH HOH A . 
B 2 HOH 95 187 187 HOH HOH A . 
B 2 HOH 96 188 188 HOH HOH A . 
B 2 HOH 97 189 189 HOH HOH A . 
B 2 HOH 98 190 190 HOH HOH A . 
B 2 HOH 99 191 191 HOH HOH A . 
# 
loop_
_pdbx_unobs_or_zero_occ_atoms.id 
_pdbx_unobs_or_zero_occ_atoms.PDB_model_num 
_pdbx_unobs_or_zero_occ_atoms.polymer_flag 
_pdbx_unobs_or_zero_occ_atoms.occupancy_flag 
_pdbx_unobs_or_zero_occ_atoms.auth_asym_id 
_pdbx_unobs_or_zero_occ_atoms.auth_comp_id 
_pdbx_unobs_or_zero_occ_atoms.auth_seq_id 
_pdbx_unobs_or_zero_occ_atoms.PDB_ins_code 
_pdbx_unobs_or_zero_occ_atoms.auth_atom_id 
_pdbx_unobs_or_zero_occ_atoms.label_alt_id 
_pdbx_unobs_or_zero_occ_atoms.label_asym_id 
_pdbx_unobs_or_zero_occ_atoms.label_comp_id 
_pdbx_unobs_or_zero_occ_atoms.label_seq_id 
_pdbx_unobs_or_zero_occ_atoms.label_atom_id 
1 1 Y 1 A LYS 83 ? CG ? A LYS 83 CG 
2 1 Y 1 A LYS 83 ? CD ? A LYS 83 CD 
3 1 Y 1 A LYS 83 ? CE ? A LYS 83 CE 
4 1 Y 1 A LYS 83 ? NZ ? A LYS 83 NZ 
# 
loop_
_software.name 
_software.classification 
_software.version 
_software.citation_id 
_software.pdbx_ordinal 
X-PLOR 'model building' . ? 1 
PROLSQ refinement       . ? 2 
X-PLOR refinement       . ? 3 
X-PLOR phasing          . ? 4 
# 
_cell.entry_id           1PTF 
_cell.length_a           53.560 
_cell.length_b           45.460 
_cell.length_c           29.880 
_cell.angle_alpha        90.00 
_cell.angle_beta         90.00 
_cell.angle_gamma        90.00 
_cell.Z_PDB              4 
_cell.pdbx_unique_axis   ? 
# 
_symmetry.entry_id                         1PTF 
_symmetry.space_group_name_H-M             'P 21 21 2' 
_symmetry.pdbx_full_space_group_name_H-M   ? 
_symmetry.cell_setting                     ? 
_symmetry.Int_Tables_number                18 
# 
_exptl.entry_id          1PTF 
_exptl.method            'X-RAY DIFFRACTION' 
_exptl.crystals_number   ? 
# 
_exptl_crystal.id                    1 
_exptl_crystal.density_meas          ? 
_exptl_crystal.density_Matthews      1.95 
_exptl_crystal.density_percent_sol   36.89 
_exptl_crystal.description           ? 
# 
_diffrn.id                     1 
_diffrn.ambient_temp           ? 
_diffrn.ambient_temp_details   ? 
_diffrn.crystal_id             1 
# 
_diffrn_radiation.diffrn_id                        1 
_diffrn_radiation.wavelength_id                    1 
_diffrn_radiation.pdbx_monochromatic_or_laue_m_l   ? 
_diffrn_radiation.monochromator                    ? 
_diffrn_radiation.pdbx_diffrn_protocol             ? 
_diffrn_radiation.pdbx_scattering_type             x-ray 
# 
_diffrn_radiation_wavelength.id           1 
_diffrn_radiation_wavelength.wavelength   . 
_diffrn_radiation_wavelength.wt           1.0 
# 
_refine.entry_id                                 1PTF 
_refine.ls_number_reflns_obs                     9481 
_refine.ls_number_reflns_all                     ? 
_refine.pdbx_ls_sigma_I                          ? 
_refine.pdbx_ls_sigma_F                          0.0 
_refine.pdbx_data_cutoff_high_absF               ? 
_refine.pdbx_data_cutoff_low_absF                ? 
_refine.pdbx_data_cutoff_high_rms_absF           ? 
_refine.ls_d_res_low                             8.0 
_refine.ls_d_res_high                            1.6 
_refine.ls_percent_reflns_obs                    ? 
_refine.ls_R_factor_obs                          0.1560000 
_refine.ls_R_factor_all                          ? 
_refine.ls_R_factor_R_work                       0.1560000 
_refine.ls_R_factor_R_free                       ? 
_refine.ls_R_factor_R_free_error                 ? 
_refine.ls_R_factor_R_free_error_details         ? 
_refine.ls_percent_reflns_R_free                 ? 
_refine.ls_number_reflns_R_free                  ? 
_refine.ls_number_parameters                     ? 
_refine.ls_number_restraints                     ? 
_refine.occupancy_min                            ? 
_refine.occupancy_max                            ? 
_refine.B_iso_mean                               ? 
_refine.aniso_B[1][1]                            ? 
_refine.aniso_B[2][2]                            ? 
_refine.aniso_B[3][3]                            ? 
_refine.aniso_B[1][2]                            ? 
_refine.aniso_B[1][3]                            ? 
_refine.aniso_B[2][3]                            ? 
_refine.solvent_model_details                    ? 
_refine.solvent_model_param_ksol                 ? 
_refine.solvent_model_param_bsol                 ? 
_refine.pdbx_ls_cross_valid_method               ? 
_refine.details                                  ? 
_refine.pdbx_starting_model                      ? 
_refine.pdbx_method_to_determine_struct          ? 
_refine.pdbx_isotropic_thermal_model             ? 
_refine.pdbx_stereochemistry_target_values       ? 
_refine.pdbx_stereochem_target_val_spec_case     ? 
_refine.pdbx_R_Free_selection_details            ? 
_refine.pdbx_overall_ESU_R                       ? 
_refine.pdbx_overall_ESU_R_Free                  ? 
_refine.overall_SU_ML                            ? 
_refine.overall_SU_B                             ? 
_refine.pdbx_refine_id                           'X-RAY DIFFRACTION' 
_refine.pdbx_diffrn_id                           1 
_refine.pdbx_TLS_residual_ADP_flag               ? 
_refine.correlation_coeff_Fo_to_Fc               ? 
_refine.correlation_coeff_Fo_to_Fc_free          ? 
_refine.pdbx_solvent_vdw_probe_radii             ? 
_refine.pdbx_solvent_ion_probe_radii             ? 
_refine.pdbx_solvent_shrinkage_radii             ? 
_refine.pdbx_overall_phase_error                 ? 
_refine.overall_SU_R_Cruickshank_DPI             ? 
_refine.pdbx_overall_SU_R_free_Cruickshank_DPI   ? 
_refine.pdbx_overall_SU_R_Blow_DPI               ? 
_refine.pdbx_overall_SU_R_free_Blow_DPI          ? 
# 
_refine_hist.pdbx_refine_id                   'X-RAY DIFFRACTION' 
_refine_hist.cycle_id                         LAST 
_refine_hist.pdbx_number_atoms_protein        637 
_refine_hist.pdbx_number_atoms_nucleic_acid   0 
_refine_hist.pdbx_number_atoms_ligand         0 
_refine_hist.number_atoms_solvent             99 
_refine_hist.number_atoms_total               736 
_refine_hist.d_res_high                       1.6 
_refine_hist.d_res_low                        8.0 
# 
loop_
_refine_ls_restr.type 
_refine_ls_restr.dev_ideal 
_refine_ls_restr.dev_ideal_target 
_refine_ls_restr.weight 
_refine_ls_restr.number 
_refine_ls_restr.pdbx_refine_id 
_refine_ls_restr.pdbx_restraint_function 
x_bond_d                0.014  ?     ? ? 'X-RAY DIFFRACTION' ? 
x_bond_d_na             ?      ?     ? ? 'X-RAY DIFFRACTION' ? 
x_bond_d_prot           ?      ?     ? ? 'X-RAY DIFFRACTION' ? 
x_angle_d               ?      ?     ? ? 'X-RAY DIFFRACTION' ? 
x_angle_d_na            ?      ?     ? ? 'X-RAY DIFFRACTION' ? 
x_angle_d_prot          ?      ?     ? ? 'X-RAY DIFFRACTION' ? 
x_angle_deg             1.9    ?     ? ? 'X-RAY DIFFRACTION' ? 
x_angle_deg_na          ?      ?     ? ? 'X-RAY DIFFRACTION' ? 
x_angle_deg_prot        ?      ?     ? ? 'X-RAY DIFFRACTION' ? 
x_dihedral_angle_d      ?      ?     ? ? 'X-RAY DIFFRACTION' ? 
x_dihedral_angle_d_na   ?      ?     ? ? 'X-RAY DIFFRACTION' ? 
x_dihedral_angle_d_prot ?      ?     ? ? 'X-RAY DIFFRACTION' ? 
x_improper_angle_d      ?      ?     ? ? 'X-RAY DIFFRACTION' ? 
x_improper_angle_d_na   ?      ?     ? ? 'X-RAY DIFFRACTION' ? 
x_improper_angle_d_prot ?      ?     ? ? 'X-RAY DIFFRACTION' ? 
x_mcbond_it             2.247  2.000 ? ? 'X-RAY DIFFRACTION' ? 
x_mcangle_it            3.104  3.000 ? ? 'X-RAY DIFFRACTION' ? 
x_scbond_it             7.902  5.000 ? ? 'X-RAY DIFFRACTION' ? 
x_scangle_it            11.883 7.000 ? ? 'X-RAY DIFFRACTION' ? 
# 
_struct.entry_id                  1PTF 
_struct.title                     
'THE 1.6 ANGSTROMS STRUCTURE OF HISTIDINE-CONTAINING PHOSPHOTRANSFER PROTEIN HPR FROM STREPTOCOCCUS FAECALIS' 
_struct.pdbx_model_details        ? 
_struct.pdbx_CASP_flag            ? 
_struct.pdbx_model_type_details   ? 
# 
_struct_keywords.entry_id        1PTF 
_struct_keywords.pdbx_keywords   PHOSPHOTRANSFERASE 
_struct_keywords.text            PHOSPHOTRANSFERASE 
# 
loop_
_struct_asym.id 
_struct_asym.pdbx_blank_PDB_chainid_flag 
_struct_asym.pdbx_modified 
_struct_asym.entity_id 
_struct_asym.details 
A N N 1 ? 
B N N 2 ? 
# 
_struct_ref.id                         1 
_struct_ref.db_name                    UNP 
_struct_ref.db_code                    PTHP_ENTFA 
_struct_ref.entity_id                  1 
_struct_ref.pdbx_db_accession          P07515 
_struct_ref.pdbx_align_begin           1 
_struct_ref.pdbx_seq_one_letter_code   
;MEKKEFHIVAETGIHARPATLLVQTASKFNSDINLEYKGKSVNLKSIMGVMSLGVGQGSDVTITVDGADEAEGMAAIVET
LQKEGLAE
;
_struct_ref.pdbx_db_isoform            ? 
# 
_struct_ref_seq.align_id                      1 
_struct_ref_seq.ref_id                        1 
_struct_ref_seq.pdbx_PDB_id_code              1PTF 
_struct_ref_seq.pdbx_strand_id                A 
_struct_ref_seq.seq_align_beg                 1 
_struct_ref_seq.pdbx_seq_align_beg_ins_code   ? 
_struct_ref_seq.seq_align_end                 88 
_struct_ref_seq.pdbx_seq_align_end_ins_code   ? 
_struct_ref_seq.pdbx_db_accession             P07515 
_struct_ref_seq.db_align_beg                  1 
_struct_ref_seq.pdbx_db_align_beg_ins_code    ? 
_struct_ref_seq.db_align_end                  88 
_struct_ref_seq.pdbx_db_align_end_ins_code    ? 
_struct_ref_seq.pdbx_auth_seq_align_beg       1 
_struct_ref_seq.pdbx_auth_seq_align_end       88 
# 
_pdbx_struct_assembly.id                   1 
_pdbx_struct_assembly.details              author_defined_assembly 
_pdbx_struct_assembly.method_details       ? 
_pdbx_struct_assembly.oligomeric_details   monomeric 
_pdbx_struct_assembly.oligomeric_count     1 
# 
_pdbx_struct_assembly_gen.assembly_id       1 
_pdbx_struct_assembly_gen.oper_expression   1 
_pdbx_struct_assembly_gen.asym_id_list      A,B 
# 
_pdbx_struct_oper_list.id                   1 
_pdbx_struct_oper_list.type                 'identity operation' 
_pdbx_struct_oper_list.name                 1_555 
_pdbx_struct_oper_list.symmetry_operation   x,y,z 
_pdbx_struct_oper_list.matrix[1][1]         1.0000000000 
_pdbx_struct_oper_list.matrix[1][2]         0.0000000000 
_pdbx_struct_oper_list.matrix[1][3]         0.0000000000 
_pdbx_struct_oper_list.vector[1]            0.0000000000 
_pdbx_struct_oper_list.matrix[2][1]         0.0000000000 
_pdbx_struct_oper_list.matrix[2][2]         1.0000000000 
_pdbx_struct_oper_list.matrix[2][3]         0.0000000000 
_pdbx_struct_oper_list.vector[2]            0.0000000000 
_pdbx_struct_oper_list.matrix[3][1]         0.0000000000 
_pdbx_struct_oper_list.matrix[3][2]         0.0000000000 
_pdbx_struct_oper_list.matrix[3][3]         1.0000000000 
_pdbx_struct_oper_list.vector[3]            0.0000000000 
# 
_struct_biol.id   1 
# 
loop_
_struct_conf.conf_type_id 
_struct_conf.id 
_struct_conf.pdbx_PDB_helix_id 
_struct_conf.beg_label_comp_id 
_struct_conf.beg_label_asym_id 
_struct_conf.beg_label_seq_id 
_struct_conf.pdbx_beg_PDB_ins_code 
_struct_conf.end_label_comp_id 
_struct_conf.end_label_asym_id 
_struct_conf.end_label_seq_id 
_struct_conf.pdbx_end_PDB_ins_code 
_struct_conf.beg_auth_comp_id 
_struct_conf.beg_auth_asym_id 
_struct_conf.beg_auth_seq_id 
_struct_conf.end_auth_comp_id 
_struct_conf.end_auth_asym_id 
_struct_conf.end_auth_seq_id 
_struct_conf.pdbx_PDB_helix_class 
_struct_conf.details 
_struct_conf.pdbx_PDB_helix_length 
HELX_P HELX_P1 A ALA A 16 ? SER A 27 ? ALA A 16 SER A 27 1 ?                       12 
HELX_P HELX_P2 B SER A 46 ? SER A 52 ? SER A 46 SER A 52 1 'DISTORTED SHORT HELIX' 7  
HELX_P HELX_P3 C ASP A 69 ? GLU A 84 ? ASP A 69 GLU A 84 1 ?                       16 
# 
_struct_conf_type.id          HELX_P 
_struct_conf_type.criteria    ? 
_struct_conf_type.reference   ? 
# 
_struct_sheet.id               S1 
_struct_sheet.type             ? 
_struct_sheet.number_strands   4 
_struct_sheet.details          ? 
# 
loop_
_struct_sheet_order.sheet_id 
_struct_sheet_order.range_id_1 
_struct_sheet_order.range_id_2 
_struct_sheet_order.offset 
_struct_sheet_order.sense 
S1 1 2 ? anti-parallel 
S1 2 3 ? anti-parallel 
S1 3 4 ? anti-parallel 
# 
loop_
_struct_sheet_range.sheet_id 
_struct_sheet_range.id 
_struct_sheet_range.beg_label_comp_id 
_struct_sheet_range.beg_label_asym_id 
_struct_sheet_range.beg_label_seq_id 
_struct_sheet_range.pdbx_beg_PDB_ins_code 
_struct_sheet_range.end_label_comp_id 
_struct_sheet_range.end_label_asym_id 
_struct_sheet_range.end_label_seq_id 
_struct_sheet_range.pdbx_end_PDB_ins_code 
_struct_sheet_range.beg_auth_comp_id 
_struct_sheet_range.beg_auth_asym_id 
_struct_sheet_range.beg_auth_seq_id 
_struct_sheet_range.end_auth_comp_id 
_struct_sheet_range.end_auth_asym_id 
_struct_sheet_range.end_auth_seq_id 
S1 1 GLU A 2  ? ILE A 8  ? GLU A 2  ILE A 8  
S1 2 GLY A 58 ? ASP A 66 ? GLY A 58 ASP A 66 
S1 3 ASP A 32 ? GLU A 36 ? ASP A 32 GLU A 36 
S1 4 LYS A 40 ? LEU A 44 ? LYS A 40 LEU A 44 
# 
loop_
_pdbx_struct_sheet_hbond.sheet_id 
_pdbx_struct_sheet_hbond.range_id_1 
_pdbx_struct_sheet_hbond.range_id_2 
_pdbx_struct_sheet_hbond.range_1_label_atom_id 
_pdbx_struct_sheet_hbond.range_1_label_comp_id 
_pdbx_struct_sheet_hbond.range_1_label_asym_id 
_pdbx_struct_sheet_hbond.range_1_label_seq_id 
_pdbx_struct_sheet_hbond.range_1_PDB_ins_code 
_pdbx_struct_sheet_hbond.range_1_auth_atom_id 
_pdbx_struct_sheet_hbond.range_1_auth_comp_id 
_pdbx_struct_sheet_hbond.range_1_auth_asym_id 
_pdbx_struct_sheet_hbond.range_1_auth_seq_id 
_pdbx_struct_sheet_hbond.range_2_label_atom_id 
_pdbx_struct_sheet_hbond.range_2_label_comp_id 
_pdbx_struct_sheet_hbond.range_2_label_asym_id 
_pdbx_struct_sheet_hbond.range_2_label_seq_id 
_pdbx_struct_sheet_hbond.range_2_PDB_ins_code 
_pdbx_struct_sheet_hbond.range_2_auth_atom_id 
_pdbx_struct_sheet_hbond.range_2_auth_comp_id 
_pdbx_struct_sheet_hbond.range_2_auth_asym_id 
_pdbx_struct_sheet_hbond.range_2_auth_seq_id 
S1 1 2 O LYS A 4  ? O LYS A 4  N ILE A 63 ? N ILE A 63 
S1 2 3 O THR A 62 ? O THR A 62 N GLU A 36 ? N GLU A 36 
S1 3 4 O LEU A 35 ? O LEU A 35 N VAL A 42 ? N VAL A 42 
# 
_pdbx_validate_close_contact.id               1 
_pdbx_validate_close_contact.PDB_model_num    1 
_pdbx_validate_close_contact.auth_atom_id_1   O 
_pdbx_validate_close_contact.auth_asym_id_1   A 
_pdbx_validate_close_contact.auth_comp_id_1   HOH 
_pdbx_validate_close_contact.auth_seq_id_1    93 
_pdbx_validate_close_contact.PDB_ins_code_1   ? 
_pdbx_validate_close_contact.label_alt_id_1   ? 
_pdbx_validate_close_contact.auth_atom_id_2   O 
_pdbx_validate_close_contact.auth_asym_id_2   A 
_pdbx_validate_close_contact.auth_comp_id_2   HOH 
_pdbx_validate_close_contact.auth_seq_id_2    174 
_pdbx_validate_close_contact.PDB_ins_code_2   ? 
_pdbx_validate_close_contact.label_alt_id_2   ? 
_pdbx_validate_close_contact.dist             2.13 
# 
loop_
_pdbx_validate_symm_contact.id 
_pdbx_validate_symm_contact.PDB_model_num 
_pdbx_validate_symm_contact.auth_atom_id_1 
_pdbx_validate_symm_contact.auth_asym_id_1 
_pdbx_validate_symm_contact.auth_comp_id_1 
_pdbx_validate_symm_contact.auth_seq_id_1 
_pdbx_validate_symm_contact.PDB_ins_code_1 
_pdbx_validate_symm_contact.label_alt_id_1 
_pdbx_validate_symm_contact.site_symmetry_1 
_pdbx_validate_symm_contact.auth_atom_id_2 
_pdbx_validate_symm_contact.auth_asym_id_2 
_pdbx_validate_symm_contact.auth_comp_id_2 
_pdbx_validate_symm_contact.auth_seq_id_2 
_pdbx_validate_symm_contact.PDB_ins_code_2 
_pdbx_validate_symm_contact.label_alt_id_2 
_pdbx_validate_symm_contact.site_symmetry_2 
_pdbx_validate_symm_contact.dist 
1 1 O A HOH 182 ? ? 1_555 O A HOH 182 ? ? 2_545 1.19 
2 1 O A HOH 113 ? ? 1_555 O A HOH 179 ? ? 4_545 2.07 
# 
loop_
_pdbx_validate_rmsd_angle.id 
_pdbx_validate_rmsd_angle.PDB_model_num 
_pdbx_validate_rmsd_angle.auth_atom_id_1 
_pdbx_validate_rmsd_angle.auth_asym_id_1 
_pdbx_validate_rmsd_angle.auth_comp_id_1 
_pdbx_validate_rmsd_angle.auth_seq_id_1 
_pdbx_validate_rmsd_angle.PDB_ins_code_1 
_pdbx_validate_rmsd_angle.label_alt_id_1 
_pdbx_validate_rmsd_angle.auth_atom_id_2 
_pdbx_validate_rmsd_angle.auth_asym_id_2 
_pdbx_validate_rmsd_angle.auth_comp_id_2 
_pdbx_validate_rmsd_angle.auth_seq_id_2 
_pdbx_validate_rmsd_angle.PDB_ins_code_2 
_pdbx_validate_rmsd_angle.label_alt_id_2 
_pdbx_validate_rmsd_angle.auth_atom_id_3 
_pdbx_validate_rmsd_angle.auth_asym_id_3 
_pdbx_validate_rmsd_angle.auth_comp_id_3 
_pdbx_validate_rmsd_angle.auth_seq_id_3 
_pdbx_validate_rmsd_angle.PDB_ins_code_3 
_pdbx_validate_rmsd_angle.label_alt_id_3 
_pdbx_validate_rmsd_angle.angle_value 
_pdbx_validate_rmsd_angle.angle_target_value 
_pdbx_validate_rmsd_angle.angle_deviation 
_pdbx_validate_rmsd_angle.angle_standard_deviation 
_pdbx_validate_rmsd_angle.linker_flag 
1 1 NE A ARG 17 ? ? CZ A ARG 17 ? ? NH1 A ARG 17 ? ? 114.40 120.30 -5.90 0.50 N 
2 1 NE A ARG 17 ? ? CZ A ARG 17 ? ? NH2 A ARG 17 ? ? 123.69 120.30 3.39  0.50 N 
# 
_pdbx_validate_torsion.id              1 
_pdbx_validate_torsion.PDB_model_num   1 
_pdbx_validate_torsion.auth_comp_id    ALA 
_pdbx_validate_torsion.auth_asym_id    A 
_pdbx_validate_torsion.auth_seq_id     16 
_pdbx_validate_torsion.PDB_ins_code    ? 
_pdbx_validate_torsion.label_alt_id    ? 
_pdbx_validate_torsion.phi             58.72 
_pdbx_validate_torsion.psi             -152.96 
# 
_pdbx_unobs_or_zero_occ_residues.id               1 
_pdbx_unobs_or_zero_occ_residues.PDB_model_num    1 
_pdbx_unobs_or_zero_occ_residues.polymer_flag     Y 
_pdbx_unobs_or_zero_occ_residues.occupancy_flag   1 
_pdbx_unobs_or_zero_occ_residues.auth_asym_id     A 
_pdbx_unobs_or_zero_occ_residues.auth_comp_id     GLU 
_pdbx_unobs_or_zero_occ_residues.auth_seq_id      88 
_pdbx_unobs_or_zero_occ_residues.PDB_ins_code     ? 
_pdbx_unobs_or_zero_occ_residues.label_asym_id    A 
_pdbx_unobs_or_zero_occ_residues.label_comp_id    GLU 
_pdbx_unobs_or_zero_occ_residues.label_seq_id     88 
# 
loop_
_chem_comp_atom.comp_id 
_chem_comp_atom.atom_id 
_chem_comp_atom.type_symbol 
_chem_comp_atom.pdbx_aromatic_flag 
_chem_comp_atom.pdbx_stereo_config 
_chem_comp_atom.pdbx_ordinal 
ALA N    N N N 1   
ALA CA   C N S 2   
ALA C    C N N 3   
ALA O    O N N 4   
ALA CB   C N N 5   
ALA OXT  O N N 6   
ALA H    H N N 7   
ALA H2   H N N 8   
ALA HA   H N N 9   
ALA HB1  H N N 10  
ALA HB2  H N N 11  
ALA HB3  H N N 12  
ALA HXT  H N N 13  
ARG N    N N N 14  
ARG CA   C N S 15  
ARG C    C N N 16  
ARG O    O N N 17  
ARG CB   C N N 18  
ARG CG   C N N 19  
ARG CD   C N N 20  
ARG NE   N N N 21  
ARG CZ   C N N 22  
ARG NH1  N N N 23  
ARG NH2  N N N 24  
ARG OXT  O N N 25  
ARG H    H N N 26  
ARG H2   H N N 27  
ARG HA   H N N 28  
ARG HB2  H N N 29  
ARG HB3  H N N 30  
ARG HG2  H N N 31  
ARG HG3  H N N 32  
ARG HD2  H N N 33  
ARG HD3  H N N 34  
ARG HE   H N N 35  
ARG HH11 H N N 36  
ARG HH12 H N N 37  
ARG HH21 H N N 38  
ARG HH22 H N N 39  
ARG HXT  H N N 40  
ASN N    N N N 41  
ASN CA   C N S 42  
ASN C    C N N 43  
ASN O    O N N 44  
ASN CB   C N N 45  
ASN CG   C N N 46  
ASN OD1  O N N 47  
ASN ND2  N N N 48  
ASN OXT  O N N 49  
ASN H    H N N 50  
ASN H2   H N N 51  
ASN HA   H N N 52  
ASN HB2  H N N 53  
ASN HB3  H N N 54  
ASN HD21 H N N 55  
ASN HD22 H N N 56  
ASN HXT  H N N 57  
ASP N    N N N 58  
ASP CA   C N S 59  
ASP C    C N N 60  
ASP O    O N N 61  
ASP CB   C N N 62  
ASP CG   C N N 63  
ASP OD1  O N N 64  
ASP OD2  O N N 65  
ASP OXT  O N N 66  
ASP H    H N N 67  
ASP H2   H N N 68  
ASP HA   H N N 69  
ASP HB2  H N N 70  
ASP HB3  H N N 71  
ASP HD2  H N N 72  
ASP HXT  H N N 73  
GLN N    N N N 74  
GLN CA   C N S 75  
GLN C    C N N 76  
GLN O    O N N 77  
GLN CB   C N N 78  
GLN CG   C N N 79  
GLN CD   C N N 80  
GLN OE1  O N N 81  
GLN NE2  N N N 82  
GLN OXT  O N N 83  
GLN H    H N N 84  
GLN H2   H N N 85  
GLN HA   H N N 86  
GLN HB2  H N N 87  
GLN HB3  H N N 88  
GLN HG2  H N N 89  
GLN HG3  H N N 90  
GLN HE21 H N N 91  
GLN HE22 H N N 92  
GLN HXT  H N N 93  
GLU N    N N N 94  
GLU CA   C N S 95  
GLU C    C N N 96  
GLU O    O N N 97  
GLU CB   C N N 98  
GLU CG   C N N 99  
GLU CD   C N N 100 
GLU OE1  O N N 101 
GLU OE2  O N N 102 
GLU OXT  O N N 103 
GLU H    H N N 104 
GLU H2   H N N 105 
GLU HA   H N N 106 
GLU HB2  H N N 107 
GLU HB3  H N N 108 
GLU HG2  H N N 109 
GLU HG3  H N N 110 
GLU HE2  H N N 111 
GLU HXT  H N N 112 
GLY N    N N N 113 
GLY CA   C N N 114 
GLY C    C N N 115 
GLY O    O N N 116 
GLY OXT  O N N 117 
GLY H    H N N 118 
GLY H2   H N N 119 
GLY HA2  H N N 120 
GLY HA3  H N N 121 
GLY HXT  H N N 122 
HIS N    N N N 123 
HIS CA   C N S 124 
HIS C    C N N 125 
HIS O    O N N 126 
HIS CB   C N N 127 
HIS CG   C Y N 128 
HIS ND1  N Y N 129 
HIS CD2  C Y N 130 
HIS CE1  C Y N 131 
HIS NE2  N Y N 132 
HIS OXT  O N N 133 
HIS H    H N N 134 
HIS H2   H N N 135 
HIS HA   H N N 136 
HIS HB2  H N N 137 
HIS HB3  H N N 138 
HIS HD1  H N N 139 
HIS HD2  H N N 140 
HIS HE1  H N N 141 
HIS HE2  H N N 142 
HIS HXT  H N N 143 
HOH O    O N N 144 
HOH H1   H N N 145 
HOH H2   H N N 146 
ILE N    N N N 147 
ILE CA   C N S 148 
ILE C    C N N 149 
ILE O    O N N 150 
ILE CB   C N S 151 
ILE CG1  C N N 152 
ILE CG2  C N N 153 
ILE CD1  C N N 154 
ILE OXT  O N N 155 
ILE H    H N N 156 
ILE H2   H N N 157 
ILE HA   H N N 158 
ILE HB   H N N 159 
ILE HG12 H N N 160 
ILE HG13 H N N 161 
ILE HG21 H N N 162 
ILE HG22 H N N 163 
ILE HG23 H N N 164 
ILE HD11 H N N 165 
ILE HD12 H N N 166 
ILE HD13 H N N 167 
ILE HXT  H N N 168 
LEU N    N N N 169 
LEU CA   C N S 170 
LEU C    C N N 171 
LEU O    O N N 172 
LEU CB   C N N 173 
LEU CG   C N N 174 
LEU CD1  C N N 175 
LEU CD2  C N N 176 
LEU OXT  O N N 177 
LEU H    H N N 178 
LEU H2   H N N 179 
LEU HA   H N N 180 
LEU HB2  H N N 181 
LEU HB3  H N N 182 
LEU HG   H N N 183 
LEU HD11 H N N 184 
LEU HD12 H N N 185 
LEU HD13 H N N 186 
LEU HD21 H N N 187 
LEU HD22 H N N 188 
LEU HD23 H N N 189 
LEU HXT  H N N 190 
LYS N    N N N 191 
LYS CA   C N S 192 
LYS C    C N N 193 
LYS O    O N N 194 
LYS CB   C N N 195 
LYS CG   C N N 196 
LYS CD   C N N 197 
LYS CE   C N N 198 
LYS NZ   N N N 199 
LYS OXT  O N N 200 
LYS H    H N N 201 
LYS H2   H N N 202 
LYS HA   H N N 203 
LYS HB2  H N N 204 
LYS HB3  H N N 205 
LYS HG2  H N N 206 
LYS HG3  H N N 207 
LYS HD2  H N N 208 
LYS HD3  H N N 209 
LYS HE2  H N N 210 
LYS HE3  H N N 211 
LYS HZ1  H N N 212 
LYS HZ2  H N N 213 
LYS HZ3  H N N 214 
LYS HXT  H N N 215 
MET N    N N N 216 
MET CA   C N S 217 
MET C    C N N 218 
MET O    O N N 219 
MET CB   C N N 220 
MET CG   C N N 221 
MET SD   S N N 222 
MET CE   C N N 223 
MET OXT  O N N 224 
MET H    H N N 225 
MET H2   H N N 226 
MET HA   H N N 227 
MET HB2  H N N 228 
MET HB3  H N N 229 
MET HG2  H N N 230 
MET HG3  H N N 231 
MET HE1  H N N 232 
MET HE2  H N N 233 
MET HE3  H N N 234 
MET HXT  H N N 235 
PHE N    N N N 236 
PHE CA   C N S 237 
PHE C    C N N 238 
PHE O    O N N 239 
PHE CB   C N N 240 
PHE CG   C Y N 241 
PHE CD1  C Y N 242 
PHE CD2  C Y N 243 
PHE CE1  C Y N 244 
PHE CE2  C Y N 245 
PHE CZ   C Y N 246 
PHE OXT  O N N 247 
PHE H    H N N 248 
PHE H2   H N N 249 
PHE HA   H N N 250 
PHE HB2  H N N 251 
PHE HB3  H N N 252 
PHE HD1  H N N 253 
PHE HD2  H N N 254 
PHE HE1  H N N 255 
PHE HE2  H N N 256 
PHE HZ   H N N 257 
PHE HXT  H N N 258 
PRO N    N N N 259 
PRO CA   C N S 260 
PRO C    C N N 261 
PRO O    O N N 262 
PRO CB   C N N 263 
PRO CG   C N N 264 
PRO CD   C N N 265 
PRO OXT  O N N 266 
PRO H    H N N 267 
PRO HA   H N N 268 
PRO HB2  H N N 269 
PRO HB3  H N N 270 
PRO HG2  H N N 271 
PRO HG3  H N N 272 
PRO HD2  H N N 273 
PRO HD3  H N N 274 
PRO HXT  H N N 275 
SER N    N N N 276 
SER CA   C N S 277 
SER C    C N N 278 
SER O    O N N 279 
SER CB   C N N 280 
SER OG   O N N 281 
SER OXT  O N N 282 
SER H    H N N 283 
SER H2   H N N 284 
SER HA   H N N 285 
SER HB2  H N N 286 
SER HB3  H N N 287 
SER HG   H N N 288 
SER HXT  H N N 289 
THR N    N N N 290 
THR CA   C N S 291 
THR C    C N N 292 
THR O    O N N 293 
THR CB   C N R 294 
THR OG1  O N N 295 
THR CG2  C N N 296 
THR OXT  O N N 297 
THR H    H N N 298 
THR H2   H N N 299 
THR HA   H N N 300 
THR HB   H N N 301 
THR HG1  H N N 302 
THR HG21 H N N 303 
THR HG22 H N N 304 
THR HG23 H N N 305 
THR HXT  H N N 306 
TYR N    N N N 307 
TYR CA   C N S 308 
TYR C    C N N 309 
TYR O    O N N 310 
TYR CB   C N N 311 
TYR CG   C Y N 312 
TYR CD1  C Y N 313 
TYR CD2  C Y N 314 
TYR CE1  C Y N 315 
TYR CE2  C Y N 316 
TYR CZ   C Y N 317 
TYR OH   O N N 318 
TYR OXT  O N N 319 
TYR H    H N N 320 
TYR H2   H N N 321 
TYR HA   H N N 322 
TYR HB2  H N N 323 
TYR HB3  H N N 324 
TYR HD1  H N N 325 
TYR HD2  H N N 326 
TYR HE1  H N N 327 
TYR HE2  H N N 328 
TYR HH   H N N 329 
TYR HXT  H N N 330 
VAL N    N N N 331 
VAL CA   C N S 332 
VAL C    C N N 333 
VAL O    O N N 334 
VAL CB   C N N 335 
VAL CG1  C N N 336 
VAL CG2  C N N 337 
VAL OXT  O N N 338 
VAL H    H N N 339 
VAL H2   H N N 340 
VAL HA   H N N 341 
VAL HB   H N N 342 
VAL HG11 H N N 343 
VAL HG12 H N N 344 
VAL HG13 H N N 345 
VAL HG21 H N N 346 
VAL HG22 H N N 347 
VAL HG23 H N N 348 
VAL HXT  H N N 349 
# 
loop_
_chem_comp_bond.comp_id 
_chem_comp_bond.atom_id_1 
_chem_comp_bond.atom_id_2 
_chem_comp_bond.value_order 
_chem_comp_bond.pdbx_aromatic_flag 
_chem_comp_bond.pdbx_stereo_config 
_chem_comp_bond.pdbx_ordinal 
ALA N   CA   sing N N 1   
ALA N   H    sing N N 2   
ALA N   H2   sing N N 3   
ALA CA  C    sing N N 4   
ALA CA  CB   sing N N 5   
ALA CA  HA   sing N N 6   
ALA C   O    doub N N 7   
ALA C   OXT  sing N N 8   
ALA CB  HB1  sing N N 9   
ALA CB  HB2  sing N N 10  
ALA CB  HB3  sing N N 11  
ALA OXT HXT  sing N N 12  
ARG N   CA   sing N N 13  
ARG N   H    sing N N 14  
ARG N   H2   sing N N 15  
ARG CA  C    sing N N 16  
ARG CA  CB   sing N N 17  
ARG CA  HA   sing N N 18  
ARG C   O    doub N N 19  
ARG C   OXT  sing N N 20  
ARG CB  CG   sing N N 21  
ARG CB  HB2  sing N N 22  
ARG CB  HB3  sing N N 23  
ARG CG  CD   sing N N 24  
ARG CG  HG2  sing N N 25  
ARG CG  HG3  sing N N 26  
ARG CD  NE   sing N N 27  
ARG CD  HD2  sing N N 28  
ARG CD  HD3  sing N N 29  
ARG NE  CZ   sing N N 30  
ARG NE  HE   sing N N 31  
ARG CZ  NH1  sing N N 32  
ARG CZ  NH2  doub N N 33  
ARG NH1 HH11 sing N N 34  
ARG NH1 HH12 sing N N 35  
ARG NH2 HH21 sing N N 36  
ARG NH2 HH22 sing N N 37  
ARG OXT HXT  sing N N 38  
ASN N   CA   sing N N 39  
ASN N   H    sing N N 40  
ASN N   H2   sing N N 41  
ASN CA  C    sing N N 42  
ASN CA  CB   sing N N 43  
ASN CA  HA   sing N N 44  
ASN C   O    doub N N 45  
ASN C   OXT  sing N N 46  
ASN CB  CG   sing N N 47  
ASN CB  HB2  sing N N 48  
ASN CB  HB3  sing N N 49  
ASN CG  OD1  doub N N 50  
ASN CG  ND2  sing N N 51  
ASN ND2 HD21 sing N N 52  
ASN ND2 HD22 sing N N 53  
ASN OXT HXT  sing N N 54  
ASP N   CA   sing N N 55  
ASP N   H    sing N N 56  
ASP N   H2   sing N N 57  
ASP CA  C    sing N N 58  
ASP CA  CB   sing N N 59  
ASP CA  HA   sing N N 60  
ASP C   O    doub N N 61  
ASP C   OXT  sing N N 62  
ASP CB  CG   sing N N 63  
ASP CB  HB2  sing N N 64  
ASP CB  HB3  sing N N 65  
ASP CG  OD1  doub N N 66  
ASP CG  OD2  sing N N 67  
ASP OD2 HD2  sing N N 68  
ASP OXT HXT  sing N N 69  
GLN N   CA   sing N N 70  
GLN N   H    sing N N 71  
GLN N   H2   sing N N 72  
GLN CA  C    sing N N 73  
GLN CA  CB   sing N N 74  
GLN CA  HA   sing N N 75  
GLN C   O    doub N N 76  
GLN C   OXT  sing N N 77  
GLN CB  CG   sing N N 78  
GLN CB  HB2  sing N N 79  
GLN CB  HB3  sing N N 80  
GLN CG  CD   sing N N 81  
GLN CG  HG2  sing N N 82  
GLN CG  HG3  sing N N 83  
GLN CD  OE1  doub N N 84  
GLN CD  NE2  sing N N 85  
GLN NE2 HE21 sing N N 86  
GLN NE2 HE22 sing N N 87  
GLN OXT HXT  sing N N 88  
GLU N   CA   sing N N 89  
GLU N   H    sing N N 90  
GLU N   H2   sing N N 91  
GLU CA  C    sing N N 92  
GLU CA  CB   sing N N 93  
GLU CA  HA   sing N N 94  
GLU C   O    doub N N 95  
GLU C   OXT  sing N N 96  
GLU CB  CG   sing N N 97  
GLU CB  HB2  sing N N 98  
GLU CB  HB3  sing N N 99  
GLU CG  CD   sing N N 100 
GLU CG  HG2  sing N N 101 
GLU CG  HG3  sing N N 102 
GLU CD  OE1  doub N N 103 
GLU CD  OE2  sing N N 104 
GLU OE2 HE2  sing N N 105 
GLU OXT HXT  sing N N 106 
GLY N   CA   sing N N 107 
GLY N   H    sing N N 108 
GLY N   H2   sing N N 109 
GLY CA  C    sing N N 110 
GLY CA  HA2  sing N N 111 
GLY CA  HA3  sing N N 112 
GLY C   O    doub N N 113 
GLY C   OXT  sing N N 114 
GLY OXT HXT  sing N N 115 
HIS N   CA   sing N N 116 
HIS N   H    sing N N 117 
HIS N   H2   sing N N 118 
HIS CA  C    sing N N 119 
HIS CA  CB   sing N N 120 
HIS CA  HA   sing N N 121 
HIS C   O    doub N N 122 
HIS C   OXT  sing N N 123 
HIS CB  CG   sing N N 124 
HIS CB  HB2  sing N N 125 
HIS CB  HB3  sing N N 126 
HIS CG  ND1  sing Y N 127 
HIS CG  CD2  doub Y N 128 
HIS ND1 CE1  doub Y N 129 
HIS ND1 HD1  sing N N 130 
HIS CD2 NE2  sing Y N 131 
HIS CD2 HD2  sing N N 132 
HIS CE1 NE2  sing Y N 133 
HIS CE1 HE1  sing N N 134 
HIS NE2 HE2  sing N N 135 
HIS OXT HXT  sing N N 136 
HOH O   H1   sing N N 137 
HOH O   H2   sing N N 138 
ILE N   CA   sing N N 139 
ILE N   H    sing N N 140 
ILE N   H2   sing N N 141 
ILE CA  C    sing N N 142 
ILE CA  CB   sing N N 143 
ILE CA  HA   sing N N 144 
ILE C   O    doub N N 145 
ILE C   OXT  sing N N 146 
ILE CB  CG1  sing N N 147 
ILE CB  CG2  sing N N 148 
ILE CB  HB   sing N N 149 
ILE CG1 CD1  sing N N 150 
ILE CG1 HG12 sing N N 151 
ILE CG1 HG13 sing N N 152 
ILE CG2 HG21 sing N N 153 
ILE CG2 HG22 sing N N 154 
ILE CG2 HG23 sing N N 155 
ILE CD1 HD11 sing N N 156 
ILE CD1 HD12 sing N N 157 
ILE CD1 HD13 sing N N 158 
ILE OXT HXT  sing N N 159 
LEU N   CA   sing N N 160 
LEU N   H    sing N N 161 
LEU N   H2   sing N N 162 
LEU CA  C    sing N N 163 
LEU CA  CB   sing N N 164 
LEU CA  HA   sing N N 165 
LEU C   O    doub N N 166 
LEU C   OXT  sing N N 167 
LEU CB  CG   sing N N 168 
LEU CB  HB2  sing N N 169 
LEU CB  HB3  sing N N 170 
LEU CG  CD1  sing N N 171 
LEU CG  CD2  sing N N 172 
LEU CG  HG   sing N N 173 
LEU CD1 HD11 sing N N 174 
LEU CD1 HD12 sing N N 175 
LEU CD1 HD13 sing N N 176 
LEU CD2 HD21 sing N N 177 
LEU CD2 HD22 sing N N 178 
LEU CD2 HD23 sing N N 179 
LEU OXT HXT  sing N N 180 
LYS N   CA   sing N N 181 
LYS N   H    sing N N 182 
LYS N   H2   sing N N 183 
LYS CA  C    sing N N 184 
LYS CA  CB   sing N N 185 
LYS CA  HA   sing N N 186 
LYS C   O    doub N N 187 
LYS C   OXT  sing N N 188 
LYS CB  CG   sing N N 189 
LYS CB  HB2  sing N N 190 
LYS CB  HB3  sing N N 191 
LYS CG  CD   sing N N 192 
LYS CG  HG2  sing N N 193 
LYS CG  HG3  sing N N 194 
LYS CD  CE   sing N N 195 
LYS CD  HD2  sing N N 196 
LYS CD  HD3  sing N N 197 
LYS CE  NZ   sing N N 198 
LYS CE  HE2  sing N N 199 
LYS CE  HE3  sing N N 200 
LYS NZ  HZ1  sing N N 201 
LYS NZ  HZ2  sing N N 202 
LYS NZ  HZ3  sing N N 203 
LYS OXT HXT  sing N N 204 
MET N   CA   sing N N 205 
MET N   H    sing N N 206 
MET N   H2   sing N N 207 
MET CA  C    sing N N 208 
MET CA  CB   sing N N 209 
MET CA  HA   sing N N 210 
MET C   O    doub N N 211 
MET C   OXT  sing N N 212 
MET CB  CG   sing N N 213 
MET CB  HB2  sing N N 214 
MET CB  HB3  sing N N 215 
MET CG  SD   sing N N 216 
MET CG  HG2  sing N N 217 
MET CG  HG3  sing N N 218 
MET SD  CE   sing N N 219 
MET CE  HE1  sing N N 220 
MET CE  HE2  sing N N 221 
MET CE  HE3  sing N N 222 
MET OXT HXT  sing N N 223 
PHE N   CA   sing N N 224 
PHE N   H    sing N N 225 
PHE N   H2   sing N N 226 
PHE CA  C    sing N N 227 
PHE CA  CB   sing N N 228 
PHE CA  HA   sing N N 229 
PHE C   O    doub N N 230 
PHE C   OXT  sing N N 231 
PHE CB  CG   sing N N 232 
PHE CB  HB2  sing N N 233 
PHE CB  HB3  sing N N 234 
PHE CG  CD1  doub Y N 235 
PHE CG  CD2  sing Y N 236 
PHE CD1 CE1  sing Y N 237 
PHE CD1 HD1  sing N N 238 
PHE CD2 CE2  doub Y N 239 
PHE CD2 HD2  sing N N 240 
PHE CE1 CZ   doub Y N 241 
PHE CE1 HE1  sing N N 242 
PHE CE2 CZ   sing Y N 243 
PHE CE2 HE2  sing N N 244 
PHE CZ  HZ   sing N N 245 
PHE OXT HXT  sing N N 246 
PRO N   CA   sing N N 247 
PRO N   CD   sing N N 248 
PRO N   H    sing N N 249 
PRO CA  C    sing N N 250 
PRO CA  CB   sing N N 251 
PRO CA  HA   sing N N 252 
PRO C   O    doub N N 253 
PRO C   OXT  sing N N 254 
PRO CB  CG   sing N N 255 
PRO CB  HB2  sing N N 256 
PRO CB  HB3  sing N N 257 
PRO CG  CD   sing N N 258 
PRO CG  HG2  sing N N 259 
PRO CG  HG3  sing N N 260 
PRO CD  HD2  sing N N 261 
PRO CD  HD3  sing N N 262 
PRO OXT HXT  sing N N 263 
SER N   CA   sing N N 264 
SER N   H    sing N N 265 
SER N   H2   sing N N 266 
SER CA  C    sing N N 267 
SER CA  CB   sing N N 268 
SER CA  HA   sing N N 269 
SER C   O    doub N N 270 
SER C   OXT  sing N N 271 
SER CB  OG   sing N N 272 
SER CB  HB2  sing N N 273 
SER CB  HB3  sing N N 274 
SER OG  HG   sing N N 275 
SER OXT HXT  sing N N 276 
THR N   CA   sing N N 277 
THR N   H    sing N N 278 
THR N   H2   sing N N 279 
THR CA  C    sing N N 280 
THR CA  CB   sing N N 281 
THR CA  HA   sing N N 282 
THR C   O    doub N N 283 
THR C   OXT  sing N N 284 
THR CB  OG1  sing N N 285 
THR CB  CG2  sing N N 286 
THR CB  HB   sing N N 287 
THR OG1 HG1  sing N N 288 
THR CG2 HG21 sing N N 289 
THR CG2 HG22 sing N N 290 
THR CG2 HG23 sing N N 291 
THR OXT HXT  sing N N 292 
TYR N   CA   sing N N 293 
TYR N   H    sing N N 294 
TYR N   H2   sing N N 295 
TYR CA  C    sing N N 296 
TYR CA  CB   sing N N 297 
TYR CA  HA   sing N N 298 
TYR C   O    doub N N 299 
TYR C   OXT  sing N N 300 
TYR CB  CG   sing N N 301 
TYR CB  HB2  sing N N 302 
TYR CB  HB3  sing N N 303 
TYR CG  CD1  doub Y N 304 
TYR CG  CD2  sing Y N 305 
TYR CD1 CE1  sing Y N 306 
TYR CD1 HD1  sing N N 307 
TYR CD2 CE2  doub Y N 308 
TYR CD2 HD2  sing N N 309 
TYR CE1 CZ   doub Y N 310 
TYR CE1 HE1  sing N N 311 
TYR CE2 CZ   sing Y N 312 
TYR CE2 HE2  sing N N 313 
TYR CZ  OH   sing N N 314 
TYR OH  HH   sing N N 315 
TYR OXT HXT  sing N N 316 
VAL N   CA   sing N N 317 
VAL N   H    sing N N 318 
VAL N   H2   sing N N 319 
VAL CA  C    sing N N 320 
VAL CA  CB   sing N N 321 
VAL CA  HA   sing N N 322 
VAL C   O    doub N N 323 
VAL C   OXT  sing N N 324 
VAL CB  CG1  sing N N 325 
VAL CB  CG2  sing N N 326 
VAL CB  HB   sing N N 327 
VAL CG1 HG11 sing N N 328 
VAL CG1 HG12 sing N N 329 
VAL CG1 HG13 sing N N 330 
VAL CG2 HG21 sing N N 331 
VAL CG2 HG22 sing N N 332 
VAL CG2 HG23 sing N N 333 
VAL OXT HXT  sing N N 334 
# 
_atom_sites.entry_id                    1PTF 
_atom_sites.fract_transf_matrix[1][1]   -0.01863534 
_atom_sites.fract_transf_matrix[1][2]   -0.00093637 
_atom_sites.fract_transf_matrix[1][3]   -0.00067355 
_atom_sites.fract_transf_matrix[2][1]   0.00055099 
_atom_sites.fract_transf_matrix[2][2]   -0.01896818 
_atom_sites.fract_transf_matrix[2][3]   0.01112531 
_atom_sites.fract_transf_matrix[3][1]   -0.00188996 
_atom_sites.fract_transf_matrix[3][2]   0.01686386 
_atom_sites.fract_transf_matrix[3][3]   0.02884577 
_atom_sites.fract_transf_vector[1]      0.247356 
_atom_sites.fract_transf_vector[2]      -0.170928 
_atom_sites.fract_transf_vector[3]      0.242218 
# 
loop_
_atom_type.symbol 
C 
N 
O 
S 
# 
loop_
_atom_site.group_PDB 
_atom_site.id 
_atom_site.type_symbol 
_atom_site.label_atom_id 
_atom_site.label_alt_id 
_atom_site.label_comp_id 
_atom_site.label_asym_id 
_atom_site.label_entity_id 
_atom_site.label_seq_id 
_atom_site.pdbx_PDB_ins_code 
_atom_site.Cartn_x 
_atom_site.Cartn_y 
_atom_site.Cartn_z 
_atom_site.occupancy 
_atom_site.B_iso_or_equiv 
_atom_site.pdbx_formal_charge 
_atom_site.auth_seq_id 
_atom_site.auth_comp_id 
_atom_site.auth_asym_id 
_atom_site.auth_atom_id 
_atom_site.pdbx_PDB_model_num 
ATOM   1   N N   . MET A 1 1  ? 13.491  8.971   -2.935  1.00 14.99 ? 1   MET A N   1 
ATOM   2   C CA  . MET A 1 1  ? 12.509  8.327   -2.033  1.00 17.05 ? 1   MET A CA  1 
ATOM   3   C C   . MET A 1 1  ? 11.247  9.199   -2.005  1.00 20.83 ? 1   MET A C   1 
ATOM   4   O O   . MET A 1 1  ? 11.340  10.446  -1.984  1.00 17.97 ? 1   MET A O   1 
ATOM   5   C CB  . MET A 1 1  ? 13.135  8.330   -0.633  1.00 16.69 ? 1   MET A CB  1 
ATOM   6   C CG  . MET A 1 1  ? 12.134  7.952   0.408   1.00 22.94 ? 1   MET A CG  1 
ATOM   7   S SD  . MET A 1 1  ? 12.897  8.103   2.050   1.00 29.20 ? 1   MET A SD  1 
ATOM   8   C CE  . MET A 1 1  ? 11.611  8.952   2.967   1.00 39.30 ? 1   MET A CE  1 
ATOM   9   N N   . GLU A 1 2  ? 10.078  8.578   -2.084  1.00 16.22 ? 2   GLU A N   1 
ATOM   10  C CA  . GLU A 1 2  ? 8.784   9.314   -1.959  1.00 12.78 ? 2   GLU A CA  1 
ATOM   11  C C   . GLU A 1 2  ? 8.007   8.688   -0.779  1.00 12.95 ? 2   GLU A C   1 
ATOM   12  O O   . GLU A 1 2  ? 8.035   7.441   -0.629  1.00 11.76 ? 2   GLU A O   1 
ATOM   13  C CB  . GLU A 1 2  ? 7.933   8.945   -3.208  1.00 15.63 ? 2   GLU A CB  1 
ATOM   14  C CG  . GLU A 1 2  ? 8.634   9.218   -4.538  1.00 28.85 ? 2   GLU A CG  1 
ATOM   15  C CD  . GLU A 1 2  ? 7.908   10.227  -5.389  1.00 35.26 ? 2   GLU A CD  1 
ATOM   16  O OE1 . GLU A 1 2  ? 6.772   10.599  -5.151  1.00 38.35 ? 2   GLU A OE1 1 
ATOM   17  O OE2 . GLU A 1 2  ? 8.547   10.575  -6.403  1.00 35.62 ? 2   GLU A OE2 1 
ATOM   18  N N   . LYS A 1 3  ? 7.338   9.534   -0.035  1.00 11.30 ? 3   LYS A N   1 
ATOM   19  C CA  . LYS A 1 3  ? 6.514   9.051   1.105   1.00 11.56 ? 3   LYS A CA  1 
ATOM   20  C C   . LYS A 1 3  ? 5.158   9.743   1.033   1.00 15.60 ? 3   LYS A C   1 
ATOM   21  O O   . LYS A 1 3  ? 5.056   10.951  0.720   1.00 14.45 ? 3   LYS A O   1 
ATOM   22  C CB  . LYS A 1 3  ? 7.246   9.396   2.383   1.00 15.12 ? 3   LYS A CB  1 
ATOM   23  C CG  . LYS A 1 3  ? 6.445   9.049   3.634   1.00 25.14 ? 3   LYS A CG  1 
ATOM   24  C CD  . LYS A 1 3  ? 7.438   9.074   4.796   1.00 43.69 ? 3   LYS A CD  1 
ATOM   25  C CE  . LYS A 1 3  ? 6.940   9.967   5.910   1.00 69.28 ? 3   LYS A CE  1 
ATOM   26  N NZ  . LYS A 1 3  ? 7.976   10.066  6.978   1.00 88.26 ? 3   LYS A NZ  1 
ATOM   27  N N   . LYS A 1 4  ? 4.092   8.981   1.306   1.00 11.61 ? 4   LYS A N   1 
ATOM   28  C CA  . LYS A 1 4  ? 2.720   9.566   1.290   1.00 11.30 ? 4   LYS A CA  1 
ATOM   29  C C   . LYS A 1 4  ? 1.833   8.896   2.336   1.00 10.93 ? 4   LYS A C   1 
ATOM   30  O O   . LYS A 1 4  ? 1.900   7.647   2.508   1.00 11.56 ? 4   LYS A O   1 
ATOM   31  C CB  . LYS A 1 4  ? 2.088   9.323   -0.086  1.00 14.65 ? 4   LYS A CB  1 
ATOM   32  C CG  . LYS A 1 4  ? 0.851   10.230  -0.291  1.00 29.79 ? 4   LYS A CG  1 
ATOM   33  C CD  . LYS A 1 4  ? 0.683   10.412  -1.804  1.00 40.97 ? 4   LYS A CD  1 
ATOM   34  C CE  . LYS A 1 4  ? -0.042  11.683  -2.180  1.00 55.88 ? 4   LYS A CE  1 
ATOM   35  N NZ  . LYS A 1 4  ? 0.879   12.670  -2.803  1.00 61.05 ? 4   LYS A NZ  1 
ATOM   36  N N   . GLU A 1 5  ? 1.006   9.743   2.929   1.00 8.47  ? 5   GLU A N   1 
ATOM   37  C CA  . GLU A 1 5  ? 0.030   9.261   3.932   1.00 8.52  ? 5   GLU A CA  1 
ATOM   38  C C   . GLU A 1 5  ? -1.362  9.112   3.306   1.00 11.48 ? 5   GLU A C   1 
ATOM   39  O O   . GLU A 1 5  ? -1.783  9.877   2.403   1.00 10.69 ? 5   GLU A O   1 
ATOM   40  C CB  . GLU A 1 5  ? -0.030  10.276  5.057   1.00 13.85 ? 5   GLU A CB  1 
ATOM   41  C CG  . GLU A 1 5  ? -0.511  9.768   6.409   1.00 29.71 ? 5   GLU A CG  1 
ATOM   42  C CD  . GLU A 1 5  ? -0.680  10.857  7.448   1.00 44.79 ? 5   GLU A CD  1 
ATOM   43  O OE1 . GLU A 1 5  ? 0.225   11.733  7.357   1.00 40.67 ? 5   GLU A OE1 1 
ATOM   44  O OE2 . GLU A 1 5  ? -1.630  10.879  8.217   1.00 48.34 ? 5   GLU A OE2 1 
ATOM   45  N N   . PHE A 1 6  ? -2.078  8.092   3.815   1.00 9.84  ? 6   PHE A N   1 
ATOM   46  C CA  . PHE A 1 6  ? -3.441  7.787   3.284   1.00 10.90 ? 6   PHE A CA  1 
ATOM   47  C C   . PHE A 1 6  ? -4.378  7.395   4.419   1.00 12.85 ? 6   PHE A C   1 
ATOM   48  O O   . PHE A 1 6  ? -3.860  6.849   5.396   1.00 13.49 ? 6   PHE A O   1 
ATOM   49  C CB  . PHE A 1 6  ? -3.355  6.567   2.356   1.00 10.22 ? 6   PHE A CB  1 
ATOM   50  C CG  . PHE A 1 6  ? -2.496  6.801   1.141   1.00 12.71 ? 6   PHE A CG  1 
ATOM   51  C CD1 . PHE A 1 6  ? -3.036  7.478   0.046   1.00 17.63 ? 6   PHE A CD1 1 
ATOM   52  C CD2 . PHE A 1 6  ? -1.182  6.343   1.097   1.00 16.20 ? 6   PHE A CD2 1 
ATOM   53  C CE1 . PHE A 1 6  ? -2.235  7.724   -1.071  1.00 20.38 ? 6   PHE A CE1 1 
ATOM   54  C CE2 . PHE A 1 6  ? -0.411  6.493   -0.066  1.00 18.06 ? 6   PHE A CE2 1 
ATOM   55  C CZ  . PHE A 1 6  ? -0.951  7.183   -1.167  1.00 16.68 ? 6   PHE A CZ  1 
ATOM   56  N N   . HIS A 1 7  ? -5.669  7.629   4.241   1.00 10.45 ? 7   HIS A N   1 
ATOM   57  C CA  . HIS A 1 7  ? -6.618  7.216   5.340   1.00 8.17  ? 7   HIS A CA  1 
ATOM   58  C C   . HIS A 1 7  ? -7.484  6.174   4.617   1.00 11.03 ? 7   HIS A C   1 
ATOM   59  O O   . HIS A 1 7  ? -8.085  6.462   3.529   1.00 12.30 ? 7   HIS A O   1 
ATOM   60  C CB  . HIS A 1 7  ? -7.500  8.405   5.745   1.00 15.19 ? 7   HIS A CB  1 
ATOM   61  C CG  . HIS A 1 7  ? -8.515  8.151   6.815   1.00 22.38 ? 7   HIS A CG  1 
ATOM   62  N ND1 . HIS A 1 7  ? -8.228  7.760   8.100   1.00 26.02 ? 7   HIS A ND1 1 
ATOM   63  C CD2 . HIS A 1 7  ? -9.846  8.457   6.814   1.00 28.47 ? 7   HIS A CD2 1 
ATOM   64  C CE1 . HIS A 1 7  ? -9.328  7.789   8.842   1.00 23.65 ? 7   HIS A CE1 1 
ATOM   65  N NE2 . HIS A 1 7  ? -10.323 8.160   8.069   1.00 30.09 ? 7   HIS A NE2 1 
ATOM   66  N N   . ILE A 1 8  ? -7.504  4.993   5.196   1.00 9.48  ? 8   ILE A N   1 
ATOM   67  C CA  . ILE A 1 8  ? -8.258  3.869   4.572   1.00 9.87  ? 8   ILE A CA  1 
ATOM   68  C C   . ILE A 1 8  ? -9.745  4.024   4.936   1.00 10.43 ? 8   ILE A C   1 
ATOM   69  O O   . ILE A 1 8  ? -10.133 4.047   6.120   1.00 13.58 ? 8   ILE A O   1 
ATOM   70  C CB  . ILE A 1 8  ? -7.689  2.523   5.182   1.00 11.05 ? 8   ILE A CB  1 
ATOM   71  C CG1 . ILE A 1 8  ? -6.164  2.529   4.911   1.00 13.88 ? 8   ILE A CG1 1 
ATOM   72  C CG2 . ILE A 1 8  ? -8.346  1.287   4.497   1.00 12.12 ? 8   ILE A CG2 1 
ATOM   73  C CD1 . ILE A 1 8  ? -5.847  2.537   3.383   1.00 14.70 ? 8   ILE A CD1 1 
ATOM   74  N N   . VAL A 1 9  ? -10.560 3.938   3.899   1.00 10.01 ? 9   VAL A N   1 
ATOM   75  C CA  . VAL A 1 9  ? -12.017 4.092   4.127   1.00 11.31 ? 9   VAL A CA  1 
ATOM   76  C C   . VAL A 1 9  ? -12.777 2.864   3.640   1.00 13.41 ? 9   VAL A C   1 
ATOM   77  O O   . VAL A 1 9  ? -13.998 2.896   3.936   1.00 14.25 ? 9   VAL A O   1 
ATOM   78  C CB  . VAL A 1 9  ? -12.487 5.404   3.418   1.00 14.07 ? 9   VAL A CB  1 
ATOM   79  C CG1 . VAL A 1 9  ? -11.864 6.640   4.044   1.00 14.08 ? 9   VAL A CG1 1 
ATOM   80  C CG2 . VAL A 1 9  ? -12.255 5.298   1.923   1.00 13.25 ? 9   VAL A CG2 1 
ATOM   81  N N   . ALA A 1 10 ? -12.147 1.889   2.995   1.00 10.54 ? 10  ALA A N   1 
ATOM   82  C CA  . ALA A 1 10 ? -12.937 0.722   2.527   1.00 12.74 ? 10  ALA A CA  1 
ATOM   83  C C   . ALA A 1 10 ? -13.439 -0.066  3.745   1.00 16.41 ? 10  ALA A C   1 
ATOM   84  O O   . ALA A 1 10 ? -12.762 -0.251  4.773   1.00 11.28 ? 10  ALA A O   1 
ATOM   85  C CB  . ALA A 1 10 ? -12.150 -0.117  1.561   1.00 12.70 ? 10  ALA A CB  1 
ATOM   86  N N   . GLU A 1 11 ? -14.669 -0.569  3.622   1.00 15.78 ? 11  GLU A N   1 
ATOM   87  C CA  . GLU A 1 11 ? -15.306 -1.359  4.694   1.00 14.88 ? 11  GLU A CA  1 
ATOM   88  C C   . GLU A 1 11 ? -14.537 -2.638  4.959   1.00 13.93 ? 11  GLU A C   1 
ATOM   89  O O   . GLU A 1 11 ? -14.536 -3.162  6.088   1.00 15.94 ? 11  GLU A O   1 
ATOM   90  C CB  . GLU A 1 11 ? -16.772 -1.661  4.309   1.00 20.86 ? 11  GLU A CB  1 
ATOM   91  C CG  . GLU A 1 11 ? -17.675 -0.416  4.377   1.00 30.66 ? 11  GLU A CG  1 
ATOM   92  C CD  . GLU A 1 11 ? -18.623 -0.360  5.537   1.00 63.17 ? 11  GLU A CD  1 
ATOM   93  O OE1 . GLU A 1 11 ? -18.356 0.070   6.650   1.00 72.07 ? 11  GLU A OE1 1 
ATOM   94  O OE2 . GLU A 1 11 ? -19.763 -0.814  5.259   1.00 76.97 ? 11  GLU A OE2 1 
ATOM   95  N N   . THR A 1 12 ? -13.864 -3.171  3.949   1.00 10.63 ? 12  THR A N   1 
ATOM   96  C CA  . THR A 1 12 ? -13.065 -4.382  4.107   1.00 11.97 ? 12  THR A CA  1 
ATOM   97  C C   . THR A 1 12 ? -11.673 -4.085  4.723   1.00 14.32 ? 12  THR A C   1 
ATOM   98  O O   . THR A 1 12 ? -11.011 -5.074  5.119   1.00 16.09 ? 12  THR A O   1 
ATOM   99  C CB  . THR A 1 12 ? -12.861 -5.111  2.709   1.00 19.92 ? 12  THR A CB  1 
ATOM   100 O OG1 . THR A 1 12 ? -12.181 -4.129  1.849   1.00 17.86 ? 12  THR A OG1 1 
ATOM   101 C CG2 . THR A 1 12 ? -14.125 -5.666  2.059   1.00 22.47 ? 12  THR A CG2 1 
ATOM   102 N N   . GLY A 1 13 ? -11.260 -2.836  4.758   1.00 10.50 ? 13  GLY A N   1 
ATOM   103 C CA  . GLY A 1 13 ? -9.867  -2.489  5.210   1.00 11.48 ? 13  GLY A CA  1 
ATOM   104 C C   . GLY A 1 13 ? -8.927  -3.049  4.122   1.00 13.68 ? 13  GLY A C   1 
ATOM   105 O O   . GLY A 1 13 ? -9.420  -3.313  3.001   1.00 10.94 ? 13  GLY A O   1 
ATOM   106 N N   . ILE A 1 14 ? -7.658  -3.309  4.438   1.00 9.12  ? 14  ILE A N   1 
ATOM   107 C CA  . ILE A 1 14 ? -6.811  -3.904  3.373   1.00 9.54  ? 14  ILE A CA  1 
ATOM   108 C C   . ILE A 1 14 ? -6.850  -5.439  3.560   1.00 10.89 ? 14  ILE A C   1 
ATOM   109 O O   . ILE A 1 14 ? -5.936  -6.005  4.194   1.00 11.14 ? 14  ILE A O   1 
ATOM   110 C CB  . ILE A 1 14 ? -5.356  -3.306  3.387   1.00 9.78  ? 14  ILE A CB  1 
ATOM   111 C CG1 . ILE A 1 14 ? -5.433  -1.762  3.332   1.00 10.02 ? 14  ILE A CG1 1 
ATOM   112 C CG2 . ILE A 1 14 ? -4.553  -3.848  2.160   1.00 9.34  ? 14  ILE A CG2 1 
ATOM   113 C CD1 . ILE A 1 14 ? -4.032  -1.038  3.363   1.00 13.27 ? 14  ILE A CD1 1 
ATOM   114 N N   . HIS A 1 15 ? -7.873  -6.034  2.973   1.00 7.88  ? 15  HIS A N   1 
ATOM   115 C CA  . HIS A 1 15 ? -8.054  -7.499  3.068   1.00 7.17  ? 15  HIS A CA  1 
ATOM   116 C C   . HIS A 1 15 ? -8.758  -7.918  1.775   1.00 11.87 ? 15  HIS A C   1 
ATOM   117 O O   . HIS A 1 15 ? -9.201  -7.032  1.036   1.00 10.85 ? 15  HIS A O   1 
ATOM   118 C CB  . HIS A 1 15 ? -9.006  -7.892  4.231   1.00 7.64  ? 15  HIS A CB  1 
ATOM   119 C CG  . HIS A 1 15 ? -8.420  -7.528  5.568   1.00 10.52 ? 15  HIS A CG  1 
ATOM   120 N ND1 . HIS A 1 15 ? -8.775  -6.436  6.309   1.00 13.39 ? 15  HIS A ND1 1 
ATOM   121 C CD2 . HIS A 1 15 ? -7.509  -8.223  6.317   1.00 10.69 ? 15  HIS A CD2 1 
ATOM   122 C CE1 . HIS A 1 15 ? -8.033  -6.355  7.395   1.00 8.97  ? 15  HIS A CE1 1 
ATOM   123 N NE2 . HIS A 1 15 ? -7.294  -7.446  7.429   1.00 15.74 ? 15  HIS A NE2 1 
ATOM   124 N N   . ALA A 1 16 ? -8.827  -9.196  1.503   1.00 12.86 ? 16  ALA A N   1 
ATOM   125 C CA  . ALA A 1 16 ? -9.537  -9.803  0.354   1.00 11.02 ? 16  ALA A CA  1 
ATOM   126 C C   . ALA A 1 16 ? -9.030  -9.296  -0.976  1.00 11.60 ? 16  ALA A C   1 
ATOM   127 O O   . ALA A 1 16 ? -7.825  -8.983  -1.066  1.00 11.30 ? 16  ALA A O   1 
ATOM   128 C CB  . ALA A 1 16 ? -11.031 -9.498  0.608   1.00 11.63 ? 16  ALA A CB  1 
ATOM   129 N N   . ARG A 1 17 ? -9.839  -9.289  -2.024  1.00 10.55 ? 17  ARG A N   1 
ATOM   130 C CA  . ARG A 1 17 ? -9.436  -8.798  -3.330  1.00 12.54 ? 17  ARG A CA  1 
ATOM   131 C C   . ARG A 1 17 ? -8.754  -7.434  -3.372  1.00 11.02 ? 17  ARG A C   1 
ATOM   132 O O   . ARG A 1 17 ? -7.757  -7.243  -4.079  1.00 10.95 ? 17  ARG A O   1 
ATOM   133 C CB  . ARG A 1 17 ? -10.545 -8.913  -4.381  1.00 12.73 ? 17  ARG A CB  1 
ATOM   134 C CG  . ARG A 1 17 ? -10.124 -8.530  -5.802  1.00 16.76 ? 17  ARG A CG  1 
ATOM   135 C CD  . ARG A 1 17 ? -11.224 -9.000  -6.730  1.00 17.07 ? 17  ARG A CD  1 
ATOM   136 N NE  . ARG A 1 17 ? -11.059 -8.517  -8.094  1.00 18.48 ? 17  ARG A NE  1 
ATOM   137 C CZ  . ARG A 1 17 ? -10.276 -9.147  -8.980  1.00 25.76 ? 17  ARG A CZ  1 
ATOM   138 N NH1 . ARG A 1 17 ? -9.679  -10.246 -8.507  1.00 28.16 ? 17  ARG A NH1 1 
ATOM   139 N NH2 . ARG A 1 17 ? -10.047 -8.698  -10.223 1.00 19.98 ? 17  ARG A NH2 1 
ATOM   140 N N   . PRO A 1 18 ? -9.237  -6.471  -2.588  1.00 12.15 ? 18  PRO A N   1 
ATOM   141 C CA  . PRO A 1 18 ? -8.593  -5.135  -2.529  1.00 10.87 ? 18  PRO A CA  1 
ATOM   142 C C   . PRO A 1 18 ? -7.135  -5.287  -2.109  1.00 10.64 ? 18  PRO A C   1 
ATOM   143 O O   . PRO A 1 18 ? -6.286  -4.602  -2.702  1.00 10.86 ? 18  PRO A O   1 
ATOM   144 C CB  . PRO A 1 18 ? -9.369  -4.415  -1.408  1.00 11.54 ? 18  PRO A CB  1 
ATOM   145 C CG  . PRO A 1 18 ? -10.757 -5.013  -1.549  1.00 13.05 ? 18  PRO A CG  1 
ATOM   146 C CD  . PRO A 1 18 ? -10.509 -6.514  -1.831  1.00 11.21 ? 18  PRO A CD  1 
ATOM   147 N N   . ALA A 1 19 ? -6.848  -6.169  -1.178  1.00 8.65  ? 19  ALA A N   1 
ATOM   148 C CA  . ALA A 1 19 ? -5.447  -6.398  -0.726  1.00 9.43  ? 19  ALA A CA  1 
ATOM   149 C C   . ALA A 1 19 ? -4.632  -7.092  -1.821  1.00 8.89  ? 19  ALA A C   1 
ATOM   150 O O   . ALA A 1 19 ? -3.482  -6.656  -2.083  1.00 9.73  ? 19  ALA A O   1 
ATOM   151 C CB  . ALA A 1 19 ? -5.468  -7.249  0.559   1.00 8.68  ? 19  ALA A CB  1 
ATOM   152 N N   . THR A 1 20 ? -5.187  -8.080  -2.491  1.00 8.19  ? 20  THR A N   1 
ATOM   153 C CA  . THR A 1 20 ? -4.420  -8.779  -3.530  1.00 9.75  ? 20  THR A CA  1 
ATOM   154 C C   . THR A 1 20 ? -4.079  -7.900  -4.728  1.00 9.86  ? 20  THR A C   1 
ATOM   155 O O   . THR A 1 20 ? -2.977  -8.045  -5.325  1.00 9.21  ? 20  THR A O   1 
ATOM   156 C CB  . THR A 1 20 ? -4.934  -10.226 -3.926  1.00 12.66 ? 20  THR A CB  1 
ATOM   157 O OG1 . THR A 1 20 ? -6.225  -9.959  -4.527  1.00 12.53 ? 20  THR A OG1 1 
ATOM   158 C CG2 . THR A 1 20 ? -5.084  -11.140 -2.693  1.00 12.10 ? 20  THR A CG2 1 
ATOM   159 N N   . LEU A 1 21 ? -5.032  -7.089  -5.131  1.00 8.46  ? 21  LEU A N   1 
ATOM   160 C CA  . LEU A 1 21 ? -4.784  -6.169  -6.274  1.00 9.81  ? 21  LEU A CA  1 
ATOM   161 C C   . LEU A 1 21 ? -3.684  -5.144  -5.897  1.00 10.72 ? 21  LEU A C   1 
ATOM   162 O O   . LEU A 1 21 ? -2.850  -4.847  -6.800  1.00 9.90  ? 21  LEU A O   1 
ATOM   163 C CB  . LEU A 1 21 ? -6.119  -5.470  -6.596  1.00 11.37 ? 21  LEU A CB  1 
ATOM   164 C CG  . LEU A 1 21 ? -7.154  -6.361  -7.262  1.00 16.62 ? 21  LEU A CG  1 
ATOM   165 C CD1 . LEU A 1 21 ? -8.422  -5.558  -7.537  1.00 18.64 ? 21  LEU A CD1 1 
ATOM   166 C CD2 . LEU A 1 21 ? -6.569  -6.921  -8.555  1.00 21.88 ? 21  LEU A CD2 1 
ATOM   167 N N   . LEU A 1 22 ? -3.751  -4.639  -4.670  1.00 8.22  ? 22  LEU A N   1 
ATOM   168 C CA  . LEU A 1 22 ? -2.735  -3.658  -4.236  1.00 7.53  ? 22  LEU A CA  1 
ATOM   169 C C   . LEU A 1 22 ? -1.340  -4.304  -4.286  1.00 7.78  ? 22  LEU A C   1 
ATOM   170 O O   . LEU A 1 22 ? -0.396  -3.666  -4.786  1.00 7.49  ? 22  LEU A O   1 
ATOM   171 C CB  . LEU A 1 22 ? -3.126  -3.159  -2.832  1.00 7.20  ? 22  LEU A CB  1 
ATOM   172 C CG  . LEU A 1 22 ? -2.137  -2.179  -2.193  1.00 9.45  ? 22  LEU A CG  1 
ATOM   173 C CD1 . LEU A 1 22 ? -1.989  -0.898  -3.060  1.00 13.87 ? 22  LEU A CD1 1 
ATOM   174 C CD2 . LEU A 1 22 ? -2.591  -1.788  -0.785  1.00 11.79 ? 22  LEU A CD2 1 
ATOM   175 N N   . VAL A 1 23 ? -1.173  -5.457  -3.670  1.00 6.85  ? 23  VAL A N   1 
ATOM   176 C CA  . VAL A 1 23 ? 0.145   -6.141  -3.689  1.00 6.79  ? 23  VAL A CA  1 
ATOM   177 C C   . VAL A 1 23 ? 0.595   -6.427  -5.122  1.00 9.08  ? 23  VAL A C   1 
ATOM   178 O O   . VAL A 1 23 ? 1.789   -6.268  -5.422  1.00 10.07 ? 23  VAL A O   1 
ATOM   179 C CB  . VAL A 1 23 ? 0.054   -7.420  -2.836  1.00 8.71  ? 23  VAL A CB  1 
ATOM   180 C CG1 . VAL A 1 23 ? 1.304   -8.263  -2.986  1.00 10.13 ? 23  VAL A CG1 1 
ATOM   181 C CG2 . VAL A 1 23 ? -0.152  -6.981  -1.386  1.00 6.72  ? 23  VAL A CG2 1 
ATOM   182 N N   . GLN A 1 24 ? -0.339  -6.804  -5.980  1.00 8.38  ? 24  GLN A N   1 
ATOM   183 C CA  . GLN A 1 24 ? 0.008   -7.089  -7.395  1.00 12.35 ? 24  GLN A CA  1 
ATOM   184 C C   . GLN A 1 24 ? 0.584   -5.846  -8.073  1.00 12.23 ? 24  GLN A C   1 
ATOM   185 O O   . GLN A 1 24 ? 1.507   -5.941  -8.900  1.00 13.41 ? 24  GLN A O   1 
ATOM   186 C CB  . GLN A 1 24 ? -1.234  -7.538  -8.173  1.00 16.38 ? 24  GLN A CB  1 
ATOM   187 C CG  . GLN A 1 24 ? -1.599  -8.991  -8.006  1.00 45.58 ? 24  GLN A CG  1 
ATOM   188 C CD  . GLN A 1 24 ? -2.784  -9.316  -8.912  1.00 60.79 ? 24  GLN A CD  1 
ATOM   189 O OE1 . GLN A 1 24 ? -2.960  -8.693  -9.965  1.00 60.14 ? 24  GLN A OE1 1 
ATOM   190 N NE2 . GLN A 1 24 ? -3.570  -10.284 -8.439  1.00 49.38 ? 24  GLN A NE2 1 
ATOM   191 N N   . THR A 1 25 ? -0.023  -4.703  -7.761  1.00 10.01 ? 25  THR A N   1 
ATOM   192 C CA  . THR A 1 25 ? 0.424   -3.422  -8.346  1.00 10.21 ? 25  THR A CA  1 
ATOM   193 C C   . THR A 1 25 ? 1.840   -3.064  -7.832  1.00 11.65 ? 25  THR A C   1 
ATOM   194 O O   . THR A 1 25 ? 2.717   -2.723  -8.662  1.00 11.46 ? 25  THR A O   1 
ATOM   195 C CB  . THR A 1 25 ? -0.541  -2.225  -8.007  1.00 15.26 ? 25  THR A CB  1 
ATOM   196 O OG1 . THR A 1 25 ? -1.739  -2.601  -8.763  1.00 20.52 ? 25  THR A OG1 1 
ATOM   197 C CG2 . THR A 1 25 ? 0.005   -0.896  -8.525  1.00 16.11 ? 25  THR A CG2 1 
ATOM   198 N N   . ALA A 1 26 ? 2.018   -3.253  -6.545  1.00 7.18  ? 26  ALA A N   1 
ATOM   199 C CA  . ALA A 1 26 ? 3.326   -2.939  -5.941  1.00 10.26 ? 26  ALA A CA  1 
ATOM   200 C C   . ALA A 1 26 ? 4.422   -3.804  -6.556  1.00 10.24 ? 26  ALA A C   1 
ATOM   201 O O   . ALA A 1 26 ? 5.544   -3.351  -6.815  1.00 9.51  ? 26  ALA A O   1 
ATOM   202 C CB  . ALA A 1 26 ? 3.266   -3.120  -4.418  1.00 8.05  ? 26  ALA A CB  1 
ATOM   203 N N   . SER A 1 27 ? 4.081   -5.062  -6.778  1.00 9.28  ? 27  SER A N   1 
ATOM   204 C CA  . SER A 1 27 ? 4.977   -6.061  -7.342  1.00 11.13 ? 27  SER A CA  1 
ATOM   205 C C   . SER A 1 27 ? 5.426   -5.727  -8.751  1.00 12.73 ? 27  SER A C   1 
ATOM   206 O O   . SER A 1 27 ? 6.466   -6.334  -9.161  1.00 16.89 ? 27  SER A O   1 
ATOM   207 C CB  . SER A 1 27 ? 4.264   -7.434  -7.318  1.00 10.83 ? 27  SER A CB  1 
ATOM   208 O OG  . SER A 1 27 ? 4.153   -7.747  -5.921  1.00 19.04 ? 27  SER A OG  1 
ATOM   209 N N   . LYS A 1 28 ? 4.821   -4.754  -9.413  1.00 11.61 ? 28  LYS A N   1 
ATOM   210 C CA  . LYS A 1 28 ? 5.266   -4.474  -10.801 1.00 11.13 ? 28  LYS A CA  1 
ATOM   211 C C   . LYS A 1 28 ? 6.513   -3.533  -10.787 1.00 14.38 ? 28  LYS A C   1 
ATOM   212 O O   . LYS A 1 28 ? 7.094   -3.384  -11.887 1.00 16.57 ? 28  LYS A O   1 
ATOM   213 C CB  . LYS A 1 28 ? 4.192   -3.701  -11.575 1.00 21.30 ? 28  LYS A CB  1 
ATOM   214 C CG  . LYS A 1 28 ? 2.865   -4.412  -11.825 1.00 29.68 ? 28  LYS A CG  1 
ATOM   215 C CD  . LYS A 1 28 ? 1.980   -3.509  -12.691 1.00 52.67 ? 28  LYS A CD  1 
ATOM   216 C CE  . LYS A 1 28 ? 0.811   -4.250  -13.302 1.00 75.08 ? 28  LYS A CE  1 
ATOM   217 N NZ  . LYS A 1 28 ? 1.088   -4.803  -14.651 1.00 81.05 ? 28  LYS A NZ  1 
ATOM   218 N N   . PHE A 1 29 ? 6.857   -2.992  -9.632  1.00 9.10  ? 29  PHE A N   1 
ATOM   219 C CA  . PHE A 1 29 ? 7.952   -2.010  -9.593  1.00 11.73 ? 29  PHE A CA  1 
ATOM   220 C C   . PHE A 1 29 ? 9.246   -2.577  -8.988  1.00 12.74 ? 29  PHE A C   1 
ATOM   221 O O   . PHE A 1 29 ? 9.139   -3.497  -8.180  1.00 12.70 ? 29  PHE A O   1 
ATOM   222 C CB  . PHE A 1 29 ? 7.500   -0.751  -8.834  1.00 9.61  ? 29  PHE A CB  1 
ATOM   223 C CG  . PHE A 1 29 ? 6.332   -0.135  -9.572  1.00 9.39  ? 29  PHE A CG  1 
ATOM   224 C CD1 . PHE A 1 29 ? 6.576   0.641   -10.727 1.00 12.84 ? 29  PHE A CD1 1 
ATOM   225 C CD2 . PHE A 1 29 ? 5.024   -0.421  -9.197  1.00 8.77  ? 29  PHE A CD2 1 
ATOM   226 C CE1 . PHE A 1 29 ? 5.514   1.203   -11.433 1.00 14.14 ? 29  PHE A CE1 1 
ATOM   227 C CE2 . PHE A 1 29 ? 3.943   0.092   -9.926  1.00 10.35 ? 29  PHE A CE2 1 
ATOM   228 C CZ  . PHE A 1 29 ? 4.185   0.916   -11.056 1.00 11.42 ? 29  PHE A CZ  1 
ATOM   229 N N   . ASN A 1 30 ? 10.375  -1.970  -9.338  1.00 10.84 ? 30  ASN A N   1 
ATOM   230 C CA  . ASN A 1 30 ? 11.679  -2.405  -8.779  1.00 11.89 ? 30  ASN A CA  1 
ATOM   231 C C   . ASN A 1 30 ? 12.008  -1.719  -7.459  1.00 11.14 ? 30  ASN A C   1 
ATOM   232 O O   . ASN A 1 30 ? 12.698  -2.302  -6.585  1.00 13.17 ? 30  ASN A O   1 
ATOM   233 C CB  . ASN A 1 30 ? 12.783  -2.182  -9.834  1.00 11.63 ? 30  ASN A CB  1 
ATOM   234 C CG  . ASN A 1 30 ? 12.436  -2.937  -11.117 1.00 16.51 ? 30  ASN A CG  1 
ATOM   235 O OD1 . ASN A 1 30 ? 12.570  -4.164  -11.064 1.00 21.41 ? 30  ASN A OD1 1 
ATOM   236 N ND2 . ASN A 1 30 ? 12.143  -2.216  -12.196 1.00 17.67 ? 30  ASN A ND2 1 
ATOM   237 N N   . SER A 1 31 ? 11.517  -0.516  -7.231  1.00 8.02  ? 31  SER A N   1 
ATOM   238 C CA  . SER A 1 31 ? 11.785  0.222   -5.988  1.00 6.35  ? 31  SER A CA  1 
ATOM   239 C C   . SER A 1 31 ? 11.335  -0.609  -4.783  1.00 8.97  ? 31  SER A C   1 
ATOM   240 O O   . SER A 1 31 ? 10.455  -1.474  -4.936  1.00 10.35 ? 31  SER A O   1 
ATOM   241 C CB  . SER A 1 31 ? 10.946  1.486   -5.931  1.00 12.06 ? 31  SER A CB  1 
ATOM   242 O OG  . SER A 1 31 ? 11.235  2.367   -7.012  1.00 13.03 ? 31  SER A OG  1 
ATOM   243 N N   . ASP A 1 32 ? 11.941  -0.274  -3.663  1.00 8.33  ? 32  ASP A N   1 
ATOM   244 C CA  . ASP A 1 32 ? 11.469  -0.856  -2.380  1.00 8.85  ? 32  ASP A CA  1 
ATOM   245 C C   . ASP A 1 32 ? 10.175  -0.071  -2.026  1.00 8.79  ? 32  ASP A C   1 
ATOM   246 O O   . ASP A 1 32 ? 10.177  1.166   -2.036  1.00 9.26  ? 32  ASP A O   1 
ATOM   247 C CB  . ASP A 1 32 ? 12.471  -0.462  -1.276  1.00 11.90 ? 32  ASP A CB  1 
ATOM   248 C CG  . ASP A 1 32 ? 13.717  -1.336  -1.334  1.00 26.40 ? 32  ASP A CG  1 
ATOM   249 O OD1 . ASP A 1 32 ? 13.609  -2.418  -1.953  1.00 24.46 ? 32  ASP A OD1 1 
ATOM   250 O OD2 . ASP A 1 32 ? 14.742  -0.901  -0.794  1.00 43.89 ? 32  ASP A OD2 1 
ATOM   251 N N   . ILE A 1 33 ? 9.143   -0.848  -1.689  1.00 10.88 ? 33  ILE A N   1 
ATOM   252 C CA  . ILE A 1 33 ? 7.829   -0.244  -1.311  1.00 8.83  ? 33  ILE A CA  1 
ATOM   253 C C   . ILE A 1 33 ? 7.424   -0.782  0.062   1.00 10.48 ? 33  ILE A C   1 
ATOM   254 O O   . ILE A 1 33 ? 7.253   -2.021  0.163   1.00 11.24 ? 33  ILE A O   1 
ATOM   255 C CB  . ILE A 1 33 ? 6.720   -0.556  -2.374  1.00 6.04  ? 33  ILE A CB  1 
ATOM   256 C CG1 . ILE A 1 33 ? 7.214   -0.095  -3.766  1.00 7.68  ? 33  ILE A CG1 1 
ATOM   257 C CG2 . ILE A 1 33 ? 5.428   0.260   -2.006  1.00 9.38  ? 33  ILE A CG2 1 
ATOM   258 C CD1 . ILE A 1 33 ? 6.219   -0.416  -4.931  1.00 13.40 ? 33  ILE A CD1 1 
ATOM   259 N N   . ASN A 1 34 ? 7.238   0.090   1.013   1.00 6.49  ? 34  ASN A N   1 
ATOM   260 C CA  . ASN A 1 34 ? 6.854   -0.405  2.370   1.00 7.91  ? 34  ASN A CA  1 
ATOM   261 C C   . ASN A 1 34 ? 5.536   0.275   2.778   1.00 12.92 ? 34  ASN A C   1 
ATOM   262 O O   . ASN A 1 34 ? 5.318   1.442   2.417   1.00 12.09 ? 34  ASN A O   1 
ATOM   263 C CB  . ASN A 1 34 ? 7.951   0.091   3.362   1.00 10.51 ? 34  ASN A CB  1 
ATOM   264 C CG  . ASN A 1 34 ? 9.210   -0.727  3.084   1.00 22.59 ? 34  ASN A CG  1 
ATOM   265 O OD1 . ASN A 1 34 ? 10.229  -0.180  2.669   1.00 51.05 ? 34  ASN A OD1 1 
ATOM   266 N ND2 . ASN A 1 34 ? 9.065   -2.039  3.087   1.00 23.89 ? 34  ASN A ND2 1 
ATOM   267 N N   . LEU A 1 35 ? 4.748   -0.437  3.529   1.00 8.63  ? 35  LEU A N   1 
ATOM   268 C CA  . LEU A 1 35 ? 3.485   0.089   4.095   1.00 7.18  ? 35  LEU A CA  1 
ATOM   269 C C   . LEU A 1 35 ? 3.690   0.138   5.610   1.00 9.16  ? 35  LEU A C   1 
ATOM   270 O O   . LEU A 1 35 ? 4.096   -0.888  6.209   1.00 9.58  ? 35  LEU A O   1 
ATOM   271 C CB  . LEU A 1 35 ? 2.382   -0.916  3.699   1.00 7.04  ? 35  LEU A CB  1 
ATOM   272 C CG  . LEU A 1 35 ? 1.018   -0.699  4.411   1.00 14.24 ? 35  LEU A CG  1 
ATOM   273 C CD1 . LEU A 1 35 ? 0.361   0.570   3.892   1.00 14.57 ? 35  LEU A CD1 1 
ATOM   274 C CD2 . LEU A 1 35 ? 0.106   -1.861  3.984   1.00 14.16 ? 35  LEU A CD2 1 
ATOM   275 N N   . GLU A 1 36 ? 3.347   1.279   6.192   1.00 9.42  ? 36  GLU A N   1 
ATOM   276 C CA  . GLU A 1 36 ? 3.572   1.398   7.653   1.00 10.68 ? 36  GLU A CA  1 
ATOM   277 C C   . GLU A 1 36 ? 2.278   1.786   8.364   1.00 11.68 ? 36  GLU A C   1 
ATOM   278 O O   . GLU A 1 36 ? 1.500   2.615   7.831   1.00 10.48 ? 36  GLU A O   1 
ATOM   279 C CB  . GLU A 1 36 ? 4.649   2.444   7.903   1.00 9.77  ? 36  GLU A CB  1 
ATOM   280 C CG  . GLU A 1 36 ? 4.772   2.765   9.400   1.00 24.84 ? 36  GLU A CG  1 
ATOM   281 C CD  . GLU A 1 36 ? 5.401   4.129   9.571   1.00 59.50 ? 36  GLU A CD  1 
ATOM   282 O OE1 . GLU A 1 36 ? 4.827   5.116   9.137   1.00 69.64 ? 36  GLU A OE1 1 
ATOM   283 O OE2 . GLU A 1 36 ? 6.556   4.044   10.041  1.00 63.25 ? 36  GLU A OE2 1 
ATOM   284 N N   . TYR A 1 37 ? 2.018   1.037   9.453   1.00 8.90  ? 37  TYR A N   1 
ATOM   285 C CA  . TYR A 1 37 ? 0.758   1.292   10.213  1.00 10.23 ? 37  TYR A CA  1 
ATOM   286 C C   . TYR A 1 37 ? 1.092   1.215   11.702  1.00 12.73 ? 37  TYR A C   1 
ATOM   287 O O   . TYR A 1 37 ? 1.620   0.188   12.126  1.00 11.54 ? 37  TYR A O   1 
ATOM   288 C CB  . TYR A 1 37 ? -0.285  0.243   9.833   1.00 10.10 ? 37  TYR A CB  1 
ATOM   289 C CG  . TYR A 1 37 ? -1.531  0.188   10.691  1.00 16.36 ? 37  TYR A CG  1 
ATOM   290 C CD1 . TYR A 1 37 ? -2.275  1.354   10.898  1.00 17.34 ? 37  TYR A CD1 1 
ATOM   291 C CD2 . TYR A 1 37 ? -2.018  -1.031  11.190  1.00 14.02 ? 37  TYR A CD2 1 
ATOM   292 C CE1 . TYR A 1 37 ? -3.451  1.335   11.650  1.00 20.37 ? 37  TYR A CE1 1 
ATOM   293 C CE2 . TYR A 1 37 ? -3.203  -1.055  11.920  1.00 15.17 ? 37  TYR A CE2 1 
ATOM   294 C CZ  . TYR A 1 37 ? -3.911  0.119   12.134  1.00 18.77 ? 37  TYR A CZ  1 
ATOM   295 O OH  . TYR A 1 37 ? -5.075  0.143   12.842  1.00 25.06 ? 37  TYR A OH  1 
ATOM   296 N N   . LYS A 1 38 ? 0.804   2.334   12.364  1.00 15.91 ? 38  LYS A N   1 
ATOM   297 C CA  . LYS A 1 38 ? 1.053   2.387   13.818  1.00 19.11 ? 38  LYS A CA  1 
ATOM   298 C C   . LYS A 1 38 ? 2.480   1.957   14.192  1.00 22.96 ? 38  LYS A C   1 
ATOM   299 O O   . LYS A 1 38 ? 2.733   1.198   15.159  1.00 20.28 ? 38  LYS A O   1 
ATOM   300 C CB  . LYS A 1 38 ? -0.007  1.543   14.540  1.00 18.25 ? 38  LYS A CB  1 
ATOM   301 C CG  . LYS A 1 38 ? -1.323  2.370   14.583  1.00 16.84 ? 38  LYS A CG  1 
ATOM   302 C CD  . LYS A 1 38 ? -2.369  1.517   15.271  1.00 18.90 ? 38  LYS A CD  1 
ATOM   303 C CE  . LYS A 1 38 ? -3.634  2.277   15.578  1.00 25.92 ? 38  LYS A CE  1 
ATOM   304 N NZ  . LYS A 1 38 ? -4.797  1.342   15.649  1.00 42.57 ? 38  LYS A NZ  1 
ATOM   305 N N   . GLY A 1 39 ? 3.433   2.503   13.412  1.00 20.83 ? 39  GLY A N   1 
ATOM   306 C CA  . GLY A 1 39 ? 4.844   2.240   13.663  1.00 18.14 ? 39  GLY A CA  1 
ATOM   307 C C   . GLY A 1 39 ? 5.387   0.918   13.169  1.00 23.50 ? 39  GLY A C   1 
ATOM   308 O O   . GLY A 1 39 ? 6.617   0.713   13.362  1.00 28.37 ? 39  GLY A O   1 
ATOM   309 N N   . LYS A 1 40 ? 4.569   0.038   12.621  1.00 16.00 ? 40  LYS A N   1 
ATOM   310 C CA  . LYS A 1 40 ? 5.140   -1.227  12.115  1.00 14.36 ? 40  LYS A CA  1 
ATOM   311 C C   . LYS A 1 40 ? 5.162   -1.149  10.585  1.00 11.50 ? 40  LYS A C   1 
ATOM   312 O O   . LYS A 1 40 ? 4.149   -0.793  9.985   1.00 11.41 ? 40  LYS A O   1 
ATOM   313 C CB  . LYS A 1 40 ? 4.296   -2.376  12.640  1.00 13.30 ? 40  LYS A CB  1 
ATOM   314 C CG  . LYS A 1 40 ? 4.679   -3.708  11.956  1.00 39.30 ? 40  LYS A CG  1 
ATOM   315 C CD  . LYS A 1 40 ? 3.766   -4.839  12.403  1.00 56.03 ? 40  LYS A CD  1 
ATOM   316 C CE  . LYS A 1 40 ? 3.981   -6.129  11.637  1.00 70.82 ? 40  LYS A CE  1 
ATOM   317 N NZ  . LYS A 1 40 ? 2.860   -7.076  11.909  1.00 72.89 ? 40  LYS A NZ  1 
ATOM   318 N N   . SER A 1 41 ? 6.238   -1.583  10.000  1.00 9.60  ? 41  SER A N   1 
ATOM   319 C CA  . SER A 1 41 ? 6.394   -1.515  8.526   1.00 14.69 ? 41  SER A CA  1 
ATOM   320 C C   . SER A 1 41 ? 6.520   -2.896  7.905   1.00 16.01 ? 41  SER A C   1 
ATOM   321 O O   . SER A 1 41 ? 7.225   -3.769  8.447   1.00 13.23 ? 41  SER A O   1 
ATOM   322 C CB  . SER A 1 41 ? 7.612   -0.599  8.344   1.00 16.37 ? 41  SER A CB  1 
ATOM   323 O OG  . SER A 1 41 ? 8.010   -0.446  7.000   1.00 32.00 ? 41  SER A OG  1 
ATOM   324 N N   . VAL A 1 42 ? 5.896   -3.078  6.733   1.00 10.25 ? 42  VAL A N   1 
ATOM   325 C CA  . VAL A 1 42 ? 5.976   -4.347  5.998   1.00 10.06 ? 42  VAL A CA  1 
ATOM   326 C C   . VAL A 1 42 ? 6.279   -4.051  4.522   1.00 10.05 ? 42  VAL A C   1 
ATOM   327 O O   . VAL A 1 42 ? 5.967   -2.962  4.037   1.00 10.83 ? 42  VAL A O   1 
ATOM   328 C CB  . VAL A 1 42 ? 4.722   -5.274  6.142   1.00 9.64  ? 42  VAL A CB  1 
ATOM   329 C CG1 . VAL A 1 42 ? 4.379   -5.447  7.635   1.00 12.66 ? 42  VAL A CG1 1 
ATOM   330 C CG2 . VAL A 1 42 ? 3.513   -4.613  5.466   1.00 10.64 ? 42  VAL A CG2 1 
ATOM   331 N N   . ASN A 1 43 ? 6.750   -5.087  3.853   1.00 7.69  ? 43  ASN A N   1 
ATOM   332 C CA  . ASN A 1 43 ? 7.001   -4.952  2.400   1.00 7.27  ? 43  ASN A CA  1 
ATOM   333 C C   . ASN A 1 43 ? 5.626   -5.041  1.718   1.00 8.11  ? 43  ASN A C   1 
ATOM   334 O O   . ASN A 1 43 ? 4.932   -6.057  1.897   1.00 8.15  ? 43  ASN A O   1 
ATOM   335 C CB  . ASN A 1 43 ? 7.852   -6.172  2.049   1.00 7.93  ? 43  ASN A CB  1 
ATOM   336 C CG  . ASN A 1 43 ? 8.263   -6.208  0.601   1.00 15.58 ? 43  ASN A CG  1 
ATOM   337 O OD1 . ASN A 1 43 ? 9.110   -7.064  0.244   1.00 23.12 ? 43  ASN A OD1 1 
ATOM   338 N ND2 . ASN A 1 43 ? 7.756   -5.368  -0.282  1.00 5.42  ? 43  ASN A ND2 1 
ATOM   339 N N   . LEU A 1 44 ? 5.280   -4.018  0.913   1.00 6.51  ? 44  LEU A N   1 
ATOM   340 C CA  . LEU A 1 44 ? 3.961   -4.015  0.245   1.00 5.90  ? 44  LEU A CA  1 
ATOM   341 C C   . LEU A 1 44 ? 3.898   -5.052  -0.862  1.00 6.86  ? 44  LEU A C   1 
ATOM   342 O O   . LEU A 1 44 ? 2.788   -5.326  -1.394  1.00 8.45  ? 44  LEU A O   1 
ATOM   343 C CB  . LEU A 1 44 ? 3.591   -2.570  -0.196  1.00 6.08  ? 44  LEU A CB  1 
ATOM   344 C CG  . LEU A 1 44 ? 2.184   -2.417  -0.810  1.00 10.72 ? 44  LEU A CG  1 
ATOM   345 C CD1 . LEU A 1 44 ? 1.114   -2.764  0.235   1.00 11.16 ? 44  LEU A CD1 1 
ATOM   346 C CD2 . LEU A 1 44 ? 2.027   -0.901  -1.119  1.00 13.01 ? 44  LEU A CD2 1 
ATOM   347 N N   . LYS A 1 45 ? 5.037   -5.643  -1.231  1.00 5.64  ? 45  LYS A N   1 
ATOM   348 C CA  . LYS A 1 45 ? 5.015   -6.697  -2.274  1.00 5.25  ? 45  LYS A CA  1 
ATOM   349 C C   . LYS A 1 45 ? 4.751   -8.061  -1.643  1.00 7.17  ? 45  LYS A C   1 
ATOM   350 O O   . LYS A 1 45 ? 4.653   -9.021  -2.431  1.00 10.22 ? 45  LYS A O   1 
ATOM   351 C CB  . LYS A 1 45 ? 6.335   -6.762  -3.035  1.00 5.14  ? 45  LYS A CB  1 
ATOM   352 C CG  . LYS A 1 45 ? 6.696   -5.387  -3.685  1.00 10.29 ? 45  LYS A CG  1 
ATOM   353 C CD  . LYS A 1 45 ? 8.006   -5.517  -4.494  1.00 8.84  ? 45  LYS A CD  1 
ATOM   354 C CE  . LYS A 1 45 ? 8.505   -4.112  -4.849  1.00 9.40  ? 45  LYS A CE  1 
ATOM   355 N NZ  . LYS A 1 45 ? 9.839   -4.232  -5.483  1.00 8.74  ? 45  LYS A NZ  1 
ATOM   356 N N   . SER A 1 46 ? 4.500   -8.079  -0.348  1.00 7.39  ? 46  SER A N   1 
ATOM   357 C CA  . SER A 1 46 ? 4.301   -9.386  0.353   1.00 6.09  ? 46  SER A CA  1 
ATOM   358 C C   . SER A 1 46 ? 2.862   -9.457  0.880   1.00 6.95  ? 46  SER A C   1 
ATOM   359 O O   . SER A 1 46 ? 2.487   -8.717  1.808   1.00 7.45  ? 46  SER A O   1 
ATOM   360 C CB  . SER A 1 46 ? 5.273   -9.403  1.558   1.00 6.79  ? 46  SER A CB  1 
ATOM   361 O OG  . SER A 1 46 ? 4.961   -10.502 2.459   1.00 9.99  ? 46  SER A OG  1 
ATOM   362 N N   . ILE A 1 47 ? 2.072   -10.363 0.293   1.00 9.14  ? 47  ILE A N   1 
ATOM   363 C CA  . ILE A 1 47 ? 0.666   -10.507 0.772   1.00 7.09  ? 47  ILE A CA  1 
ATOM   364 C C   . ILE A 1 47 ? 0.666   -10.933 2.239   1.00 7.13  ? 47  ILE A C   1 
ATOM   365 O O   . ILE A 1 47 ? -0.208  -10.509 3.045   1.00 9.68  ? 47  ILE A O   1 
ATOM   366 C CB  . ILE A 1 47 ? -0.125  -11.467 -0.212  1.00 11.60 ? 47  ILE A CB  1 
ATOM   367 C CG1 . ILE A 1 47 ? -1.640  -11.480 0.146   1.00 12.07 ? 47  ILE A CG1 1 
ATOM   368 C CG2 . ILE A 1 47 ? 0.466   -12.904 -0.226  1.00 11.45 ? 47  ILE A CG2 1 
ATOM   369 C CD1 . ILE A 1 47 ? -2.304  -10.071 0.211   1.00 12.25 ? 47  ILE A CD1 1 
ATOM   370 N N   . MET A 1 48 ? 1.620   -11.777 2.636   1.00 10.55 ? 48  MET A N   1 
ATOM   371 C CA  . MET A 1 48 ? 1.670   -12.195 4.059   1.00 9.89  ? 48  MET A CA  1 
ATOM   372 C C   . MET A 1 48 ? 1.953   -11.017 4.979   1.00 8.98  ? 48  MET A C   1 
ATOM   373 O O   . MET A 1 48 ? 1.363   -10.902 6.078   1.00 10.61 ? 48  MET A O   1 
ATOM   374 C CB  . MET A 1 48 ? 2.596   -13.384 4.278   1.00 13.21 ? 48  MET A CB  1 
ATOM   375 C CG  . MET A 1 48 ? 2.016   -14.487 3.406   1.00 22.76 ? 48  MET A CG  1 
ATOM   376 S SD  . MET A 1 48 ? 2.576   -16.101 3.994   1.00 36.74 ? 48  MET A SD  1 
ATOM   377 C CE  . MET A 1 48 ? 4.067   -16.294 3.003   1.00 41.95 ? 48  MET A CE  1 
ATOM   378 N N   . GLY A 1 49 ? 2.923   -10.212 4.540   1.00 7.78  ? 49  GLY A N   1 
ATOM   379 C CA  . GLY A 1 49 ? 3.214   -9.013  5.372   1.00 8.46  ? 49  GLY A CA  1 
ATOM   380 C C   . GLY A 1 49 ? 1.965   -8.120  5.537   1.00 7.40  ? 49  GLY A C   1 
ATOM   381 O O   . GLY A 1 49 ? 1.701   -7.616  6.656   1.00 9.34  ? 49  GLY A O   1 
ATOM   382 N N   . VAL A 1 50 ? 1.323   -7.887  4.406   1.00 6.15  ? 50  VAL A N   1 
ATOM   383 C CA  . VAL A 1 50 ? 0.147   -6.983  4.407   1.00 8.93  ? 50  VAL A CA  1 
ATOM   384 C C   . VAL A 1 50 ? -0.939  -7.570  5.317   1.00 10.99 ? 50  VAL A C   1 
ATOM   385 O O   . VAL A 1 50 ? -1.534  -6.808  6.117   1.00 11.97 ? 50  VAL A O   1 
ATOM   386 C CB  . VAL A 1 50 ? -0.296  -6.725  2.944   1.00 10.36 ? 50  VAL A CB  1 
ATOM   387 C CG1 . VAL A 1 50 ? -1.645  -5.980  2.933   1.00 14.44 ? 50  VAL A CG1 1 
ATOM   388 C CG2 . VAL A 1 50 ? 0.730   -5.862  2.206   1.00 11.18 ? 50  VAL A CG2 1 
ATOM   389 N N   . MET A 1 51 ? -1.230  -8.858  5.143   1.00 8.77  ? 51  MET A N   1 
ATOM   390 C CA  . MET A 1 51 ? -2.236  -9.483  6.042   1.00 12.45 ? 51  MET A CA  1 
ATOM   391 C C   . MET A 1 51 ? -1.817  -9.432  7.512   1.00 15.48 ? 51  MET A C   1 
ATOM   392 O O   . MET A 1 51 ? -2.694  -9.138  8.362   1.00 17.66 ? 51  MET A O   1 
ATOM   393 C CB  . MET A 1 51 ? -2.400  -10.964 5.661   1.00 14.57 ? 51  MET A CB  1 
ATOM   394 C CG  . MET A 1 51 ? -3.154  -10.916 4.338   1.00 29.04 ? 51  MET A CG  1 
ATOM   395 S SD  . MET A 1 51 ? -3.666  -12.649 4.000   1.00 36.18 ? 51  MET A SD  1 
ATOM   396 C CE  . MET A 1 51 ? -2.074  -13.419 3.690   1.00 40.15 ? 51  MET A CE  1 
ATOM   397 N N   . SER A 1 52 ? -0.540  -9.522  7.799   1.00 12.10 ? 52  SER A N   1 
ATOM   398 C CA  . SER A 1 52 ? -0.097  -9.507  9.202   1.00 16.77 ? 52  SER A CA  1 
ATOM   399 C C   . SER A 1 52 ? -0.317  -8.163  9.880   1.00 13.38 ? 52  SER A C   1 
ATOM   400 O O   . SER A 1 52 ? -0.417  -8.080  11.111  1.00 14.38 ? 52  SER A O   1 
ATOM   401 C CB  . SER A 1 52 ? 1.362   -9.891  9.365   1.00 19.52 ? 52  SER A CB  1 
ATOM   402 O OG  . SER A 1 52 ? 2.187   -8.755  9.035   1.00 20.70 ? 52  SER A OG  1 
ATOM   403 N N   . LEU A 1 53 ? -0.350  -7.128  9.031   1.00 12.87 ? 53  LEU A N   1 
ATOM   404 C CA  . LEU A 1 53 ? -0.504  -5.754  9.570   1.00 12.41 ? 53  LEU A CA  1 
ATOM   405 C C   . LEU A 1 53 ? -1.893  -5.496  10.113  1.00 11.91 ? 53  LEU A C   1 
ATOM   406 O O   . LEU A 1 53 ? -2.090  -4.650  11.011  1.00 15.15 ? 53  LEU A O   1 
ATOM   407 C CB  . LEU A 1 53 ? 0.059   -4.841  8.458   1.00 12.99 ? 53  LEU A CB  1 
ATOM   408 C CG  . LEU A 1 53 ? 0.444   -3.447  8.830   1.00 20.25 ? 53  LEU A CG  1 
ATOM   409 C CD1 . LEU A 1 53 ? 1.390   -3.488  10.022  1.00 21.15 ? 53  LEU A CD1 1 
ATOM   410 C CD2 . LEU A 1 53 ? 1.023   -2.704  7.617   1.00 16.21 ? 53  LEU A CD2 1 
ATOM   411 N N   . GLY A 1 54 ? -2.918  -6.127  9.532   1.00 10.82 ? 54  GLY A N   1 
ATOM   412 C CA  . GLY A 1 54 ? -4.298  -5.995  10.038  1.00 13.17 ? 54  GLY A CA  1 
ATOM   413 C C   . GLY A 1 54 ? -4.847  -4.581  9.931   1.00 14.18 ? 54  GLY A C   1 
ATOM   414 O O   . GLY A 1 54 ? -5.393  -4.056  10.915  1.00 17.03 ? 54  GLY A O   1 
ATOM   415 N N   . VAL A 1 55 ? -4.826  -4.059  8.704   1.00 9.26  ? 55  VAL A N   1 
ATOM   416 C CA  . VAL A 1 55 ? -5.297  -2.669  8.521   1.00 10.42 ? 55  VAL A CA  1 
ATOM   417 C C   . VAL A 1 55 ? -6.824  -2.633  8.239   1.00 11.37 ? 55  VAL A C   1 
ATOM   418 O O   . VAL A 1 55 ? -7.274  -3.100  7.180   1.00 12.59 ? 55  VAL A O   1 
ATOM   419 C CB  . VAL A 1 55 ? -4.500  -2.005  7.364   1.00 13.10 ? 55  VAL A CB  1 
ATOM   420 C CG1 . VAL A 1 55 ? -4.940  -0.536  7.223   1.00 11.70 ? 55  VAL A CG1 1 
ATOM   421 C CG2 . VAL A 1 55 ? -2.968  -2.092  7.587   1.00 12.72 ? 55  VAL A CG2 1 
ATOM   422 N N   . GLY A 1 56 ? -7.533  -2.031  9.187   1.00 8.39  ? 56  GLY A N   1 
ATOM   423 C CA  . GLY A 1 56 ? -8.990  -1.921  9.013   1.00 9.00  ? 56  GLY A CA  1 
ATOM   424 C C   . GLY A 1 56 ? -9.432  -0.540  8.537   1.00 10.54 ? 56  GLY A C   1 
ATOM   425 O O   . GLY A 1 56 ? -8.647  0.372   8.332   1.00 10.01 ? 56  GLY A O   1 
ATOM   426 N N   . GLN A 1 57 ? -10.737 -0.487  8.274   1.00 11.09 ? 57  GLN A N   1 
ATOM   427 C CA  . GLN A 1 57 ? -11.412 0.747   7.859   1.00 9.59  ? 57  GLN A CA  1 
ATOM   428 C C   . GLN A 1 57 ? -11.090 1.813   8.919   1.00 11.68 ? 57  GLN A C   1 
ATOM   429 O O   . GLN A 1 57 ? -11.135 1.555   10.133  1.00 14.09 ? 57  GLN A O   1 
ATOM   430 C CB  . GLN A 1 57 ? -12.938 0.485   7.775   1.00 14.15 ? 57  GLN A CB  1 
ATOM   431 C CG  . GLN A 1 57 ? -13.667 1.818   7.497   1.00 16.67 ? 57  GLN A CG  1 
ATOM   432 C CD  . GLN A 1 57 ? -15.164 1.610   7.303   1.00 23.93 ? 57  GLN A CD  1 
ATOM   433 O OE1 . GLN A 1 57 ? -15.790 2.038   6.332   1.00 31.28 ? 57  GLN A OE1 1 
ATOM   434 N NE2 . GLN A 1 57 ? -15.682 0.819   8.219   1.00 16.48 ? 57  GLN A NE2 1 
ATOM   435 N N   . GLY A 1 58 ? -10.775 3.033   8.498   1.00 12.27 ? 58  GLY A N   1 
ATOM   436 C CA  . GLY A 1 58 ? -10.446 4.194   9.268   1.00 12.70 ? 58  GLY A CA  1 
ATOM   437 C C   . GLY A 1 58 ? -8.990  4.405   9.638   1.00 13.36 ? 58  GLY A C   1 
ATOM   438 O O   . GLY A 1 58 ? -8.618  5.388   10.299  1.00 18.06 ? 58  GLY A O   1 
ATOM   439 N N   . SER A 1 59 ? -8.132  3.489   9.238   1.00 12.84 ? 59  SER A N   1 
ATOM   440 C CA  . SER A 1 59 ? -6.697  3.485   9.566   1.00 10.24 ? 59  SER A CA  1 
ATOM   441 C C   . SER A 1 59 ? -5.926  4.561   8.773   1.00 10.36 ? 59  SER A C   1 
ATOM   442 O O   . SER A 1 59 ? -6.236  4.829   7.595   1.00 12.08 ? 59  SER A O   1 
ATOM   443 C CB  . SER A 1 59 ? -6.130  2.118   9.136   1.00 10.83 ? 59  SER A CB  1 
ATOM   444 O OG  . SER A 1 59 ? -6.601  1.082   9.997   1.00 16.47 ? 59  SER A OG  1 
ATOM   445 N N   . ASP A 1 60 ? -4.921  5.112   9.465   1.00 8.47  ? 60  ASP A N   1 
ATOM   446 C CA  . ASP A 1 60 ? -3.967  6.041   8.828   1.00 9.39  ? 60  ASP A CA  1 
ATOM   447 C C   . ASP A 1 60 ? -2.704  5.190   8.490   1.00 11.26 ? 60  ASP A C   1 
ATOM   448 O O   . ASP A 1 60 ? -2.208  4.509   9.410   1.00 12.78 ? 60  ASP A O   1 
ATOM   449 C CB  . ASP A 1 60 ? -3.544  7.154   9.786   1.00 14.65 ? 60  ASP A CB  1 
ATOM   450 C CG  . ASP A 1 60 ? -4.662  8.178   9.887   1.00 32.65 ? 60  ASP A CG  1 
ATOM   451 O OD1 . ASP A 1 60 ? -5.382  8.357   8.871   1.00 28.96 ? 60  ASP A OD1 1 
ATOM   452 O OD2 . ASP A 1 60 ? -4.791  8.727   10.987  1.00 49.63 ? 60  ASP A OD2 1 
ATOM   453 N N   . VAL A 1 61 ? -2.322  5.195   7.226   1.00 8.83  ? 61  VAL A N   1 
ATOM   454 C CA  . VAL A 1 61 ? -1.109  4.414   6.850   1.00 9.34  ? 61  VAL A CA  1 
ATOM   455 C C   . VAL A 1 61 ? -0.140  5.323   6.074   1.00 11.07 ? 61  VAL A C   1 
ATOM   456 O O   . VAL A 1 61 ? -0.583  6.319   5.493   1.00 11.56 ? 61  VAL A O   1 
ATOM   457 C CB  . VAL A 1 61 ? -1.443  3.151   6.014   1.00 13.14 ? 61  VAL A CB  1 
ATOM   458 C CG1 . VAL A 1 61 ? -2.371  2.206   6.784   1.00 11.28 ? 61  VAL A CG1 1 
ATOM   459 C CG2 . VAL A 1 61 ? -1.960  3.418   4.610   1.00 14.15 ? 61  VAL A CG2 1 
ATOM   460 N N   . THR A 1 62 ? 1.126   4.891   6.050   1.00 8.70  ? 62  THR A N   1 
ATOM   461 C CA  . THR A 1 62 ? 2.118   5.647   5.227   1.00 9.09  ? 62  THR A CA  1 
ATOM   462 C C   . THR A 1 62 ? 2.758   4.649   4.244   1.00 11.07 ? 62  THR A C   1 
ATOM   463 O O   . THR A 1 62 ? 2.973   3.484   4.635   1.00 11.57 ? 62  THR A O   1 
ATOM   464 C CB  . THR A 1 62 ? 3.295   6.212   6.135   1.00 11.40 ? 62  THR A CB  1 
ATOM   465 O OG1 . THR A 1 62 ? 2.559   7.135   7.023   1.00 15.26 ? 62  THR A OG1 1 
ATOM   466 C CG2 . THR A 1 62 ? 4.317   6.976   5.297   1.00 19.09 ? 62  THR A CG2 1 
ATOM   467 N N   . ILE A 1 63 ? 2.932   5.118   3.028   1.00 8.72  ? 63  ILE A N   1 
ATOM   468 C CA  . ILE A 1 63 ? 3.603   4.263   2.027   1.00 9.35  ? 63  ILE A CA  1 
ATOM   469 C C   . ILE A 1 63 ? 4.903   4.982   1.600   1.00 9.16  ? 63  ILE A C   1 
ATOM   470 O O   . ILE A 1 63 ? 4.841   6.184   1.317   1.00 9.44  ? 63  ILE A O   1 
ATOM   471 C CB  . ILE A 1 63 ? 2.693   3.908   0.807   1.00 8.76  ? 63  ILE A CB  1 
ATOM   472 C CG1 . ILE A 1 63 ? 1.520   3.027   1.395   1.00 11.59 ? 63  ILE A CG1 1 
ATOM   473 C CG2 . ILE A 1 63 ? 3.449   3.045   -0.271  1.00 10.29 ? 63  ILE A CG2 1 
ATOM   474 C CD1 . ILE A 1 63 ? 0.423   2.634   0.381   1.00 13.18 ? 63  ILE A CD1 1 
ATOM   475 N N   . THR A 1 64 ? 5.993   4.185   1.583   1.00 8.79  ? 64  THR A N   1 
ATOM   476 C CA  . THR A 1 64 ? 7.281   4.761   1.136   1.00 7.19  ? 64  THR A CA  1 
ATOM   477 C C   . THR A 1 64 ? 7.701   3.985   -0.125  1.00 8.12  ? 64  THR A C   1 
ATOM   478 O O   . THR A 1 64 ? 7.555   2.748   -0.180  1.00 9.57  ? 64  THR A O   1 
ATOM   479 C CB  . THR A 1 64 ? 8.397   4.516   2.251   1.00 10.92 ? 64  THR A CB  1 
ATOM   480 O OG1 . THR A 1 64 ? 7.959   5.386   3.356   1.00 15.66 ? 64  THR A OG1 1 
ATOM   481 C CG2 . THR A 1 64 ? 9.728   5.096   1.725   1.00 18.00 ? 64  THR A CG2 1 
ATOM   482 N N   . VAL A 1 65 ? 8.173   4.747   -1.114  1.00 5.63  ? 65  VAL A N   1 
ATOM   483 C CA  . VAL A 1 65 ? 8.647   4.176   -2.373  1.00 7.31  ? 65  VAL A CA  1 
ATOM   484 C C   . VAL A 1 65 ? 10.118  4.679   -2.600  1.00 9.85  ? 65  VAL A C   1 
ATOM   485 O O   . VAL A 1 65 ? 10.308  5.896   -2.606  1.00 11.66 ? 65  VAL A O   1 
ATOM   486 C CB  . VAL A 1 65 ? 7.733   4.482   -3.562  1.00 8.57  ? 65  VAL A CB  1 
ATOM   487 C CG1 . VAL A 1 65 ? 8.221   3.767   -4.841  1.00 6.68  ? 65  VAL A CG1 1 
ATOM   488 C CG2 . VAL A 1 65 ? 6.258   4.149   -3.378  1.00 10.71 ? 65  VAL A CG2 1 
ATOM   489 N N   . ASP A 1 66 ? 11.037  3.750   -2.758  1.00 9.30  ? 66  ASP A N   1 
ATOM   490 C CA  . ASP A 1 66 ? 12.474  4.185   -2.883  1.00 8.83  ? 66  ASP A CA  1 
ATOM   491 C C   . ASP A 1 66 ? 13.211  3.327   -3.897  1.00 10.53 ? 66  ASP A C   1 
ATOM   492 O O   . ASP A 1 66 ? 13.416  2.115   -3.665  1.00 9.61  ? 66  ASP A O   1 
ATOM   493 C CB  . ASP A 1 66 ? 13.058  4.064   -1.469  1.00 10.43 ? 66  ASP A CB  1 
ATOM   494 C CG  . ASP A 1 66 ? 14.428  4.703   -1.299  1.00 27.26 ? 66  ASP A CG  1 
ATOM   495 O OD1 . ASP A 1 66 ? 14.974  5.366   -2.190  1.00 21.33 ? 66  ASP A OD1 1 
ATOM   496 O OD2 . ASP A 1 66 ? 14.912  4.656   -0.153  1.00 33.11 ? 66  ASP A OD2 1 
ATOM   497 N N   . GLY A 1 67 ? 13.606  3.975   -4.998  1.00 9.06  ? 67  GLY A N   1 
ATOM   498 C CA  . GLY A 1 67 ? 14.324  3.264   -6.072  1.00 9.47  ? 67  GLY A CA  1 
ATOM   499 C C   . GLY A 1 67 ? 14.321  3.950   -7.430  1.00 8.74  ? 67  GLY A C   1 
ATOM   500 O O   . GLY A 1 67 ? 13.785  5.064   -7.563  1.00 10.08 ? 67  GLY A O   1 
ATOM   501 N N   . ALA A 1 68 ? 14.724  3.154   -8.440  1.00 9.01  ? 68  ALA A N   1 
ATOM   502 C CA  . ALA A 1 68 ? 14.893  3.685   -9.799  1.00 9.86  ? 68  ALA A CA  1 
ATOM   503 C C   . ALA A 1 68 ? 13.585  4.077   -10.458 1.00 13.57 ? 68  ALA A C   1 
ATOM   504 O O   . ALA A 1 68 ? 13.628  4.972   -11.319 1.00 12.69 ? 68  ALA A O   1 
ATOM   505 C CB  . ALA A 1 68 ? 15.629  2.693   -10.683 1.00 12.16 ? 68  ALA A CB  1 
ATOM   506 N N   . ASP A 1 69 ? 12.467  3.464   -10.049 1.00 10.83 ? 69  ASP A N   1 
ATOM   507 C CA  . ASP A 1 69 ? 11.168  3.767   -10.710 1.00 9.34  ? 69  ASP A CA  1 
ATOM   508 C C   . ASP A 1 69 ? 10.182  4.264   -9.634  1.00 8.84  ? 69  ASP A C   1 
ATOM   509 O O   . ASP A 1 69 ? 8.970   4.041   -9.811  1.00 10.74 ? 69  ASP A O   1 
ATOM   510 C CB  . ASP A 1 69 ? 10.644  2.528   -11.434 1.00 10.82 ? 69  ASP A CB  1 
ATOM   511 C CG  . ASP A 1 69 ? 10.466  1.299   -10.536 1.00 10.14 ? 69  ASP A CG  1 
ATOM   512 O OD1 . ASP A 1 69 ? 10.680  1.391   -9.302  1.00 10.24 ? 69  ASP A OD1 1 
ATOM   513 O OD2 . ASP A 1 69 ? 10.173  0.252   -11.153 1.00 9.78  ? 69  ASP A OD2 1 
ATOM   514 N N   . GLU A 1 70 ? 10.711  5.012   -8.707  1.00 5.99  ? 70  GLU A N   1 
ATOM   515 C CA  . GLU A 1 70 ? 9.885   5.456   -7.605  1.00 7.82  ? 70  GLU A CA  1 
ATOM   516 C C   . GLU A 1 70 ? 8.861   6.503   -8.024  1.00 11.63 ? 70  GLU A C   1 
ATOM   517 O O   . GLU A 1 70 ? 7.772   6.494   -7.392  1.00 10.19 ? 70  GLU A O   1 
ATOM   518 C CB  . GLU A 1 70 ? 10.694  5.984   -6.425  1.00 9.58  ? 70  GLU A CB  1 
ATOM   519 C CG  . GLU A 1 70 ? 11.558  7.219   -6.754  1.00 7.92  ? 70  GLU A CG  1 
ATOM   520 C CD  . GLU A 1 70 ? 12.408  7.646   -5.598  1.00 12.48 ? 70  GLU A CD  1 
ATOM   521 O OE1 . GLU A 1 70 ? 13.048  6.806   -4.917  1.00 10.97 ? 70  GLU A OE1 1 
ATOM   522 O OE2 . GLU A 1 70 ? 12.396  8.797   -5.220  1.00 15.20 ? 70  GLU A OE2 1 
ATOM   523 N N   . ALA A 1 71 ? 9.150   7.303   -9.047  1.00 10.08 ? 71  ALA A N   1 
ATOM   524 C CA  . ALA A 1 71 ? 8.140   8.352   -9.413  1.00 11.69 ? 71  ALA A CA  1 
ATOM   525 C C   . ALA A 1 71 ? 6.846   7.700   -9.953  1.00 8.44  ? 71  ALA A C   1 
ATOM   526 O O   . ALA A 1 71 ? 5.724   8.068   -9.494  1.00 11.32 ? 71  ALA A O   1 
ATOM   527 C CB  . ALA A 1 71 ? 8.772   9.307   -10.445 1.00 11.72 ? 71  ALA A CB  1 
ATOM   528 N N   . GLU A 1 72 ? 7.047   6.821   -10.920 1.00 9.74  ? 72  GLU A N   1 
ATOM   529 C CA  . GLU A 1 72 ? 5.883   6.137   -11.509 1.00 8.65  ? 72  GLU A CA  1 
ATOM   530 C C   . GLU A 1 72 ? 5.348   5.117   -10.500 1.00 10.12 ? 72  GLU A C   1 
ATOM   531 O O   . GLU A 1 72 ? 4.112   4.887   -10.501 1.00 11.69 ? 72  GLU A O   1 
ATOM   532 C CB  . GLU A 1 72 ? 6.218   5.530   -12.853 1.00 16.49 ? 72  GLU A CB  1 
ATOM   533 C CG  . GLU A 1 72 ? 7.530   4.798   -12.948 1.00 34.31 ? 72  GLU A CG  1 
ATOM   534 C CD  . GLU A 1 72 ? 8.879   5.415   -13.147 1.00 34.49 ? 72  GLU A CD  1 
ATOM   535 O OE1 . GLU A 1 72 ? 9.247   6.340   -12.382 1.00 16.04 ? 72  GLU A OE1 1 
ATOM   536 O OE2 . GLU A 1 72 ? 9.680   4.857   -13.910 1.00 27.01 ? 72  GLU A OE2 1 
ATOM   537 N N   . GLY A 1 73 ? 6.144   4.579   -9.604  1.00 8.57  ? 73  GLY A N   1 
ATOM   538 C CA  . GLY A 1 73 ? 5.673   3.575   -8.619  1.00 7.20  ? 73  GLY A CA  1 
ATOM   539 C C   . GLY A 1 73 ? 4.737   4.277   -7.636  1.00 7.65  ? 73  GLY A C   1 
ATOM   540 O O   . GLY A 1 73 ? 3.611   3.755   -7.398  1.00 8.77  ? 73  GLY A O   1 
ATOM   541 N N   . MET A 1 74 ? 5.155   5.410   -7.082  1.00 6.13  ? 74  MET A N   1 
ATOM   542 C CA  . MET A 1 74 ? 4.239   6.138   -6.158  1.00 7.04  ? 74  MET A CA  1 
ATOM   543 C C   . MET A 1 74 ? 2.964   6.556   -6.905  1.00 8.53  ? 74  MET A C   1 
ATOM   544 O O   . MET A 1 74 ? 1.819   6.454   -6.381  1.00 9.32  ? 74  MET A O   1 
ATOM   545 C CB  . MET A 1 74 ? 4.960   7.282   -5.452  1.00 9.42  ? 74  MET A CB  1 
ATOM   546 C CG  . MET A 1 74 ? 4.020   8.068   -4.560  1.00 12.58 ? 74  MET A CG  1 
ATOM   547 S SD  . MET A 1 74 ? 3.395   7.085   -3.150  1.00 15.21 ? 74  MET A SD  1 
ATOM   548 C CE  . MET A 1 74 ? 4.770   7.321   -2.022  1.00 11.65 ? 74  MET A CE  1 
ATOM   549 N N   . ALA A 1 75 ? 3.135   7.056   -8.139  1.00 8.71  ? 75  ALA A N   1 
ATOM   550 C CA  . ALA A 1 75 ? 1.935   7.481   -8.904  1.00 8.98  ? 75  ALA A CA  1 
ATOM   551 C C   . ALA A 1 75 ? 0.933   6.342   -9.100  1.00 7.04  ? 75  ALA A C   1 
ATOM   552 O O   . ALA A 1 75 ? -0.311  6.550   -8.966  1.00 7.97  ? 75  ALA A O   1 
ATOM   553 C CB  . ALA A 1 75 ? 2.352   8.141   -10.223 1.00 8.94  ? 75  ALA A CB  1 
ATOM   554 N N   . ALA A 1 76 ? 1.422   5.168   -9.460  1.00 5.96  ? 76  ALA A N   1 
ATOM   555 C CA  . ALA A 1 76 ? 0.602   3.981   -9.731  1.00 4.93  ? 76  ALA A CA  1 
ATOM   556 C C   . ALA A 1 76 ? -0.095  3.563   -8.435  1.00 9.56  ? 76  ALA A C   1 
ATOM   557 O O   . ALA A 1 76 ? -1.256  3.137   -8.454  1.00 9.40  ? 76  ALA A O   1 
ATOM   558 C CB  . ALA A 1 76 ? 1.480   2.891   -10.326 1.00 7.77  ? 76  ALA A CB  1 
ATOM   559 N N   . ILE A 1 77 ? 0.598   3.644   -7.313  1.00 7.27  ? 77  ILE A N   1 
ATOM   560 C CA  . ILE A 1 77 ? 0.017   3.246   -5.999  1.00 9.48  ? 77  ILE A CA  1 
ATOM   561 C C   . ILE A 1 77 ? -1.139  4.217   -5.644  1.00 10.78 ? 77  ILE A C   1 
ATOM   562 O O   . ILE A 1 77 ? -2.218  3.796   -5.162  1.00 10.97 ? 77  ILE A O   1 
ATOM   563 C CB  . ILE A 1 77 ? 1.160   3.223   -4.903  1.00 11.55 ? 77  ILE A CB  1 
ATOM   564 C CG1 . ILE A 1 77 ? 2.170   2.060   -5.067  1.00 11.11 ? 77  ILE A CG1 1 
ATOM   565 C CG2 . ILE A 1 77 ? 0.561   3.156   -3.468  1.00 16.40 ? 77  ILE A CG2 1 
ATOM   566 C CD1 . ILE A 1 77 ? 1.564   0.675   -5.245  1.00 21.81 ? 77  ILE A CD1 1 
ATOM   567 N N   . VAL A 1 78 ? -0.924  5.520   -5.842  1.00 7.71  ? 78  VAL A N   1 
ATOM   568 C CA  . VAL A 1 78 ? -1.984  6.516   -5.531  1.00 7.50  ? 78  VAL A CA  1 
ATOM   569 C C   . VAL A 1 78 ? -3.204  6.191   -6.412  1.00 10.28 ? 78  VAL A C   1 
ATOM   570 O O   . VAL A 1 78 ? -4.328  6.139   -5.931  1.00 10.01 ? 78  VAL A O   1 
ATOM   571 C CB  . VAL A 1 78 ? -1.472  7.950   -5.797  1.00 10.07 ? 78  VAL A CB  1 
ATOM   572 C CG1 . VAL A 1 78 ? -2.663  8.925   -5.748  1.00 11.69 ? 78  VAL A CG1 1 
ATOM   573 C CG2 . VAL A 1 78 ? -0.441  8.335   -4.730  1.00 8.48  ? 78  VAL A CG2 1 
ATOM   574 N N   . GLU A 1 79 ? -2.928  5.966   -7.696  1.00 7.31  ? 79  GLU A N   1 
ATOM   575 C CA  . GLU A 1 79 ? -4.013  5.662   -8.622  1.00 8.11  ? 79  GLU A CA  1 
ATOM   576 C C   . GLU A 1 79 ? -4.802  4.439   -8.195  1.00 10.18 ? 79  GLU A C   1 
ATOM   577 O O   . GLU A 1 79 ? -6.031  4.434   -8.247  1.00 9.57  ? 79  GLU A O   1 
ATOM   578 C CB  . GLU A 1 79 ? -3.439  5.472   -10.029 1.00 9.67  ? 79  GLU A CB  1 
ATOM   579 C CG  . GLU A 1 79 ? -4.556  5.193   -11.042 1.00 13.11 ? 79  GLU A CG  1 
ATOM   580 C CD  . GLU A 1 79 ? -4.186  4.983   -12.476 1.00 20.35 ? 79  GLU A CD  1 
ATOM   581 O OE1 . GLU A 1 79 ? -2.968  4.914   -12.715 1.00 17.31 ? 79  GLU A OE1 1 
ATOM   582 O OE2 . GLU A 1 79 ? -5.030  4.845   -13.351 1.00 16.49 ? 79  GLU A OE2 1 
ATOM   583 N N   . THR A 1 80 ? -4.083  3.376   -7.826  1.00 7.68  ? 80  THR A N   1 
ATOM   584 C CA  . THR A 1 80 ? -4.699  2.102   -7.408  1.00 6.63  ? 80  THR A CA  1 
ATOM   585 C C   . THR A 1 80 ? -5.501  2.253   -6.130  1.00 10.52 ? 80  THR A C   1 
ATOM   586 O O   . THR A 1 80 ? -6.639  1.747   -6.092  1.00 9.94  ? 80  THR A O   1 
ATOM   587 C CB  . THR A 1 80 ? -3.568  1.005   -7.242  1.00 11.43 ? 80  THR A CB  1 
ATOM   588 O OG1 . THR A 1 80 ? -3.006  0.872   -8.615  1.00 15.96 ? 80  THR A OG1 1 
ATOM   589 C CG2 . THR A 1 80 ? -4.223  -0.305  -6.801  1.00 15.33 ? 80  THR A CG2 1 
ATOM   590 N N   . LEU A 1 81 ? -4.968  2.938   -5.112  1.00 7.33  ? 81  LEU A N   1 
ATOM   591 C CA  . LEU A 1 81 ? -5.740  3.120   -3.894  1.00 7.28  ? 81  LEU A CA  1 
ATOM   592 C C   . LEU A 1 81 ? -7.072  3.817   -4.172  1.00 10.19 ? 81  LEU A C   1 
ATOM   593 O O   . LEU A 1 81 ? -8.101  3.503   -3.549  1.00 11.70 ? 81  LEU A O   1 
ATOM   594 C CB  . LEU A 1 81 ? -4.867  3.853   -2.868  1.00 8.64  ? 81  LEU A CB  1 
ATOM   595 C CG  . LEU A 1 81 ? -3.678  3.025   -2.344  1.00 14.85 ? 81  LEU A CG  1 
ATOM   596 C CD1 . LEU A 1 81 ? -2.833  3.957   -1.456  1.00 15.61 ? 81  LEU A CD1 1 
ATOM   597 C CD2 . LEU A 1 81 ? -4.172  1.859   -1.510  1.00 17.22 ? 81  LEU A CD2 1 
ATOM   598 N N   . GLN A 1 82 ? -7.023  4.829   -5.035  1.00 9.60  ? 82  GLN A N   1 
ATOM   599 C CA  . GLN A 1 82 ? -8.291  5.570   -5.355  1.00 9.50  ? 82  GLN A CA  1 
ATOM   600 C C   . GLN A 1 82 ? -9.186  4.732   -6.238  1.00 11.63 ? 82  GLN A C   1 
ATOM   601 O O   . GLN A 1 82 ? -10.384 4.646   -5.850  1.00 14.08 ? 82  GLN A O   1 
ATOM   602 C CB  . GLN A 1 82 ? -7.926  6.798   -6.152  1.00 13.87 ? 82  GLN A CB  1 
ATOM   603 C CG  . GLN A 1 82 ? -7.133  7.849   -5.359  1.00 33.69 ? 82  GLN A CG  1 
ATOM   604 C CD  . GLN A 1 82 ? -6.784  9.048   -6.227  1.00 58.82 ? 82  GLN A CD  1 
ATOM   605 O OE1 . GLN A 1 82 ? -6.745  10.211  -5.844  1.00 72.47 ? 82  GLN A OE1 1 
ATOM   606 N NE2 . GLN A 1 82 ? -6.581  8.765   -7.437  1.00 61.43 ? 82  GLN A NE2 1 
ATOM   607 N N   . LYS A 1 83 ? -8.718  4.049   -7.262  1.00 9.53  ? 83  LYS A N   1 
ATOM   608 C CA  . LYS A 1 83 ? -9.559  3.196   -8.122  1.00 10.95 ? 83  LYS A CA  1 
ATOM   609 C C   . LYS A 1 83 ? -10.225 2.027   -7.372  1.00 16.69 ? 83  LYS A C   1 
ATOM   610 O O   . LYS A 1 83 ? -11.376 1.615   -7.680  1.00 15.19 ? 83  LYS A O   1 
ATOM   611 C CB  . LYS A 1 83 ? -8.823  2.665   -9.377  1.00 13.72 ? 83  LYS A CB  1 
ATOM   612 N N   . GLU A 1 84 ? -9.528  1.471   -6.387  1.00 10.80 ? 84  GLU A N   1 
ATOM   613 C CA  . GLU A 1 84 ? -10.086 0.333   -5.620  1.00 10.56 ? 84  GLU A CA  1 
ATOM   614 C C   . GLU A 1 84 ? -11.004 0.859   -4.513  1.00 10.85 ? 84  GLU A C   1 
ATOM   615 O O   . GLU A 1 84 ? -11.571 0.022   -3.805  1.00 14.42 ? 84  GLU A O   1 
ATOM   616 C CB  . GLU A 1 84 ? -8.907  -0.368  -4.893  1.00 9.12  ? 84  GLU A CB  1 
ATOM   617 C CG  . GLU A 1 84 ? -7.996  -1.155  -5.847  1.00 9.93  ? 84  GLU A CG  1 
ATOM   618 C CD  . GLU A 1 84 ? -7.083  -2.076  -5.056  1.00 22.76 ? 84  GLU A CD  1 
ATOM   619 O OE1 . GLU A 1 84 ? -7.445  -2.889  -4.213  1.00 21.71 ? 84  GLU A OE1 1 
ATOM   620 O OE2 . GLU A 1 84 ? -5.895  -1.901  -5.337  1.00 34.46 ? 84  GLU A OE2 1 
ATOM   621 N N   . GLY A 1 85 ? -11.086 2.159   -4.299  1.00 8.78  ? 85  GLY A N   1 
ATOM   622 C CA  . GLY A 1 85 ? -11.893 2.712   -3.207  1.00 10.78 ? 85  GLY A CA  1 
ATOM   623 C C   . GLY A 1 85 ? -11.299 2.387   -1.851  1.00 10.75 ? 85  GLY A C   1 
ATOM   624 O O   . GLY A 1 85 ? -12.019 2.447   -0.832  1.00 12.42 ? 85  GLY A O   1 
ATOM   625 N N   . LEU A 1 86 ? -9.967  2.248   -1.798  1.00 8.47  ? 86  LEU A N   1 
ATOM   626 C CA  . LEU A 1 86 ? -9.300  1.966   -0.513  1.00 9.12  ? 86  LEU A CA  1 
ATOM   627 C C   . LEU A 1 86 ? -9.047  3.235   0.268   1.00 12.83 ? 86  LEU A C   1 
ATOM   628 O O   . LEU A 1 86 ? -9.197  3.188   1.505   1.00 15.67 ? 86  LEU A O   1 
ATOM   629 C CB  . LEU A 1 86 ? -8.000  1.191   -0.788  1.00 11.41 ? 86  LEU A CB  1 
ATOM   630 C CG  . LEU A 1 86 ? -8.077  -0.316  -0.790  1.00 18.66 ? 86  LEU A CG  1 
ATOM   631 C CD1 . LEU A 1 86 ? -6.714  -0.871  -1.190  1.00 12.08 ? 86  LEU A CD1 1 
ATOM   632 C CD2 . LEU A 1 86 ? -8.516  -0.823  0.591   1.00 16.86 ? 86  LEU A CD2 1 
ATOM   633 N N   . ALA A 1 87 ? -8.712  4.322   -0.401  1.00 13.14 ? 87  ALA A N   1 
ATOM   634 C CA  . ALA A 1 87 ? -8.404  5.583   0.315   1.00 22.21 ? 87  ALA A CA  1 
ATOM   635 C C   . ALA A 1 87 ? -8.774  6.793   -0.554  1.00 30.34 ? 87  ALA A C   1 
ATOM   636 O O   . ALA A 1 87 ? -8.900  6.559   -1.791  1.00 36.61 ? 87  ALA A O   1 
ATOM   637 C CB  . ALA A 1 87 ? -6.902  5.636   0.619   1.00 27.80 ? 87  ALA A CB  1 
HETATM 638 O O   . HOH B 2 .  ? 5.222   10.227  -8.074  1.00 27.90 ? 90  HOH A O   1 
HETATM 639 O O   . HOH B 2 .  ? 0.664   7.055   15.000  1.00 34.84 ? 91  HOH A O   1 
HETATM 640 O O   . HOH B 2 .  ? 7.393   -7.731  5.151   1.00 15.26 ? 92  HOH A O   1 
HETATM 641 O O   . HOH B 2 .  ? 16.021  8.153   -2.609  1.00 24.79 ? 93  HOH A O   1 
HETATM 642 O O   . HOH B 2 .  ? 10.715  1.951   0.723   1.00 22.79 ? 94  HOH A O   1 
HETATM 643 O O   . HOH B 2 .  ? -5.055  4.901   12.496  1.00 12.54 ? 95  HOH A O   1 
HETATM 644 O O   . HOH B 2 .  ? -0.455  4.598   11.458  1.00 16.95 ? 96  HOH A O   1 
HETATM 645 O O   . HOH B 2 .  ? -4.131  -5.690  6.501   1.00 11.06 ? 97  HOH A O   1 
HETATM 646 O O   . HOH B 2 .  ? 0.670   -2.092  13.567  1.00 19.58 ? 98  HOH A O   1 
HETATM 647 O O   . HOH B 2 .  ? 6.109   3.727   4.941   1.00 18.86 ? 99  HOH A O   1 
HETATM 648 O O   . HOH B 2 .  ? -12.379 -2.869  8.420   1.00 23.18 ? 100 HOH A O   1 
HETATM 649 O O   . HOH B 2 .  ? 1.587   12.403  2.445   1.00 15.73 ? 101 HOH A O   1 
HETATM 650 O O   . HOH B 2 .  ? -1.360  9.038   -9.451  1.00 7.42  ? 102 HOH A O   1 
HETATM 651 O O   . HOH B 2 .  ? 9.575   -3.649  -1.441  1.00 10.56 ? 103 HOH A O   1 
HETATM 652 O O   . HOH B 2 .  ? -6.218  -10.931 -6.812  1.00 40.81 ? 104 HOH A O   1 
HETATM 653 O O   . HOH B 2 .  ? -2.589  8.531   -12.688 1.00 16.84 ? 105 HOH A O   1 
HETATM 654 O O   . HOH B 2 .  ? 11.607  7.468   -11.026 1.00 24.14 ? 106 HOH A O   1 
HETATM 655 O O   . HOH B 2 .  ? -11.243 -1.368  -8.474  1.00 14.44 ? 107 HOH A O   1 
HETATM 656 O O   . HOH B 2 .  ? -18.549 0.992   9.555   1.00 11.95 ? 108 HOH A O   1 
HETATM 657 O O   . HOH B 2 .  ? 0.051   11.251  -8.300  1.00 36.61 ? 109 HOH A O   1 
HETATM 658 O O   . HOH B 2 .  ? -1.506  12.372  1.144   1.00 25.40 ? 110 HOH A O   1 
HETATM 659 O O   . HOH B 2 .  ? -6.392  9.418   1.950   1.00 16.11 ? 111 HOH A O   1 
HETATM 660 O O   . HOH B 2 .  ? -19.075 -2.751  8.085   1.00 26.74 ? 112 HOH A O   1 
HETATM 661 O O   . HOH B 2 .  ? -14.331 -5.683  -2.082  1.00 24.10 ? 113 HOH A O   1 
HETATM 662 O O   . HOH B 2 .  ? -13.712 -1.099  -2.824  1.00 55.34 ? 114 HOH A O   1 
HETATM 663 O O   . HOH B 2 .  ? -2.724  -12.265 -6.576  1.00 42.40 ? 115 HOH A O   1 
HETATM 664 O O   . HOH B 2 .  ? 1.063   -11.562 -4.047  1.00 11.08 ? 116 HOH A O   1 
HETATM 665 O O   . HOH B 2 .  ? 7.787   -8.903  -6.400  1.00 47.51 ? 117 HOH A O   1 
HETATM 666 O O   . HOH B 2 .  ? 13.821  -5.026  -6.860  1.00 20.63 ? 118 HOH A O   1 
HETATM 667 O O   . HOH B 2 .  ? 10.845  -3.362  1.217   1.00 45.70 ? 119 HOH A O   1 
HETATM 668 O O   . HOH B 2 .  ? -6.988  -1.641  11.815  1.00 22.96 ? 120 HOH A O   1 
HETATM 669 O O   . HOH B 2 .  ? 2.978   12.400  4.652   1.00 65.53 ? 121 HOH A O   1 
HETATM 670 O O   . HOH B 2 .  ? 9.379   -0.119  -13.611 1.00 25.89 ? 122 HOH A O   1 
HETATM 671 O O   . HOH B 2 .  ? 4.939   -9.497  9.343   1.00 17.17 ? 123 HOH A O   1 
HETATM 672 O O   . HOH B 2 .  ? -6.032  3.004   -17.261 1.00 16.87 ? 124 HOH A O   1 
HETATM 673 O O   . HOH B 2 .  ? -8.751  5.560   -16.137 1.00 16.66 ? 125 HOH A O   1 
HETATM 674 O O   . HOH B 2 .  ? -5.009  11.551  3.844   1.00 62.09 ? 127 HOH A O   1 
HETATM 675 O O   . HOH B 2 .  ? 0.114   0.085   -12.933 1.00 55.41 ? 128 HOH A O   1 
HETATM 676 O O   . HOH B 2 .  ? 12.266  10.713  -10.040 1.00 47.75 ? 129 HOH A O   1 
HETATM 677 O O   . HOH B 2 .  ? 14.365  11.737  -2.656  1.00 4.41  ? 130 HOH A O   1 
HETATM 678 O O   . HOH B 2 .  ? 11.325  10.941  -6.670  1.00 15.00 ? 131 HOH A O   1 
HETATM 679 O O   . HOH B 2 .  ? -14.830 1.648   -1.012  1.00 34.24 ? 132 HOH A O   1 
HETATM 680 O O   . HOH B 2 .  ? -16.641 -4.130  7.840   1.00 14.26 ? 133 HOH A O   1 
HETATM 681 O O   . HOH B 2 .  ? -1.493  -10.590 -4.680  1.00 7.86  ? 134 HOH A O   1 
HETATM 682 O O   . HOH B 2 .  ? 9.340   -6.080  -10.361 1.00 53.70 ? 135 HOH A O   1 
HETATM 683 O O   . HOH B 2 .  ? 11.524  -5.074  -3.168  1.00 24.17 ? 136 HOH A O   1 
HETATM 684 O O   . HOH B 2 .  ? 10.125  -8.116  -2.827  1.00 54.66 ? 137 HOH A O   1 
HETATM 685 O O   . HOH B 2 .  ? 7.997   2.632   6.731   1.00 33.96 ? 138 HOH A O   1 
HETATM 686 O O   . HOH B 2 .  ? -5.406  -9.175  8.950   1.00 15.40 ? 139 HOH A O   1 
HETATM 687 O O   . HOH B 2 .  ? -9.072  1.259   12.298  1.00 21.56 ? 140 HOH A O   1 
HETATM 688 O O   . HOH B 2 .  ? 2.698   10.773  -6.943  1.00 21.80 ? 141 HOH A O   1 
HETATM 689 O O   . HOH B 2 .  ? 2.120   -10.266 -5.744  1.00 18.25 ? 142 HOH A O   1 
HETATM 690 O O   . HOH B 2 .  ? -4.155  10.306  6.874   1.00 46.13 ? 143 HOH A O   1 
HETATM 691 O O   . HOH B 2 .  ? -16.021 3.886   2.085   1.00 31.23 ? 144 HOH A O   1 
HETATM 692 O O   . HOH B 2 .  ? 8.780   -2.281  11.667  1.00 16.30 ? 145 HOH A O   1 
HETATM 693 O O   . HOH B 2 .  ? -11.702 6.083   -3.571  1.00 44.14 ? 146 HOH A O   1 
HETATM 694 O O   . HOH B 2 .  ? -12.331 1.731   -11.568 1.00 36.76 ? 147 HOH A O   1 
HETATM 695 O O   . HOH B 2 .  ? -9.393  -5.830  -11.492 1.00 25.70 ? 148 HOH A O   1 
HETATM 696 O O   . HOH B 2 .  ? -7.547  5.982   -13.560 1.00 25.49 ? 149 HOH A O   1 
HETATM 697 O O   . HOH B 2 .  ? 0.283   -13.508 7.183   1.00 46.74 ? 150 HOH A O   1 
HETATM 698 O O   . HOH B 2 .  ? 2.750   13.818  -1.180  1.00 41.55 ? 151 HOH A O   1 
HETATM 699 O O   . HOH B 2 .  ? 8.745   5.337   11.526  1.00 85.44 ? 152 HOH A O   1 
HETATM 700 O O   . HOH B 2 .  ? -17.493 -3.433  0.548   1.00 77.37 ? 153 HOH A O   1 
HETATM 701 O O   . HOH B 2 .  ? -14.064 -3.089  -1.068  1.00 34.61 ? 154 HOH A O   1 
HETATM 702 O O   . HOH B 2 .  ? -5.840  -11.802 -10.560 1.00 53.12 ? 155 HOH A O   1 
HETATM 703 O O   . HOH B 2 .  ? 13.875  -5.563  -9.239  1.00 41.17 ? 156 HOH A O   1 
HETATM 704 O O   . HOH B 2 .  ? 10.682  -8.303  2.656   1.00 38.10 ? 157 HOH A O   1 
HETATM 705 O O   . HOH B 2 .  ? -15.979 -0.683  1.162   1.00 58.78 ? 159 HOH A O   1 
HETATM 706 O O   . HOH B 2 .  ? -6.486  2.498   13.344  1.00 26.75 ? 160 HOH A O   1 
HETATM 707 O O   . HOH B 2 .  ? -1.709  6.235   13.467  1.00 53.08 ? 161 HOH A O   1 
HETATM 708 O O   . HOH B 2 .  ? 1.246   6.098   9.705   1.00 52.46 ? 162 HOH A O   1 
HETATM 709 O O   . HOH B 2 .  ? 1.933   -1.162  16.133  1.00 50.30 ? 163 HOH A O   1 
HETATM 710 O O   . HOH B 2 .  ? -0.626  13.531  -1.056  1.00 20.77 ? 164 HOH A O   1 
HETATM 711 O O   . HOH B 2 .  ? -7.031  -11.131 3.039   1.00 22.68 ? 166 HOH A O   1 
HETATM 712 O O   . HOH B 2 .  ? 15.775  0.564   -3.909  1.00 34.46 ? 167 HOH A O   1 
HETATM 713 O O   . HOH B 2 .  ? 3.433   4.410   11.292  1.00 32.42 ? 168 HOH A O   1 
HETATM 714 O O   . HOH B 2 .  ? 8.073   7.861   9.545   1.00 21.10 ? 169 HOH A O   1 
HETATM 715 O O   . HOH B 2 .  ? 8.324   6.154   6.738   1.00 66.17 ? 170 HOH A O   1 
HETATM 716 O O   . HOH B 2 .  ? -4.340  9.458   -9.605  1.00 32.84 ? 171 HOH A O   1 
HETATM 717 O O   . HOH B 2 .  ? -9.091  8.609   1.113   1.00 51.54 ? 172 HOH A O   1 
HETATM 718 O O   . HOH B 2 .  ? 11.023  -6.190  -7.030  1.00 33.62 ? 173 HOH A O   1 
HETATM 719 O O   . HOH B 2 .  ? 16.760  6.906   -1.042  1.00 17.08 ? 174 HOH A O   1 
HETATM 720 O O   . HOH B 2 .  ? -10.974 10.649  4.225   1.00 44.46 ? 175 HOH A O   1 
HETATM 721 O O   . HOH B 2 .  ? 10.078  2.374   4.999   1.00 35.42 ? 176 HOH A O   1 
HETATM 722 O O   . HOH B 2 .  ? -8.515  7.776   -9.807  1.00 93.19 ? 177 HOH A O   1 
HETATM 723 O O   . HOH B 2 .  ? -8.908  -1.710  -9.416  1.00 48.03 ? 178 HOH A O   1 
HETATM 724 O O   . HOH B 2 .  ? 12.521  6.259   -13.111 1.00 12.03 ? 179 HOH A O   1 
HETATM 725 O O   . HOH B 2 .  ? -3.118  10.559  0.329   1.00 38.04 ? 180 HOH A O   1 
HETATM 726 O O   . HOH B 2 .  ? -5.296  7.516   -3.663  1.00 24.80 ? 181 HOH A O   1 
HETATM 727 O O   . HOH B 2 .  ? 12.976  9.145   -13.648 1.00 18.43 ? 182 HOH A O   1 
HETATM 728 O O   . HOH B 2 .  ? 11.485  13.203  -1.581  1.00 13.24 ? 183 HOH A O   1 
HETATM 729 O O   . HOH B 2 .  ? 4.926   11.993  -3.107  1.00 36.56 ? 184 HOH A O   1 
HETATM 730 O O   . HOH B 2 .  ? 13.111  -6.196  -12.825 1.00 39.98 ? 185 HOH A O   1 
HETATM 731 O O   . HOH B 2 .  ? 9.830   -5.972  5.395   1.00 42.47 ? 186 HOH A O   1 
HETATM 732 O O   . HOH B 2 .  ? 9.741   0.796   11.206  1.00 66.65 ? 187 HOH A O   1 
HETATM 733 O O   . HOH B 2 .  ? 0.233   4.751   16.506  1.00 32.81 ? 188 HOH A O   1 
HETATM 734 O O   . HOH B 2 .  ? 7.671   -6.110  9.918   1.00 29.37 ? 189 HOH A O   1 
HETATM 735 O O   . HOH B 2 .  ? 3.199   -4.397  16.631  1.00 28.06 ? 190 HOH A O   1 
HETATM 736 O O   . HOH B 2 .  ? 7.131   -10.720 -1.908  1.00 63.76 ? 191 HOH A O   1 
# 
